data_1PKQ
#
_entry.id   1PKQ
#
_cell.length_a   124.480
_cell.length_b   40.000
_cell.length_c   134.200
_cell.angle_alpha   90.00
_cell.angle_beta   107.75
_cell.angle_gamma   90.00
#
_symmetry.space_group_name_H-M   'P 1 21 1'
#
loop_
_entity.id
_entity.type
_entity.pdbx_description
1 polymer '(8-18C5) chimeric Fab, light chain'
2 polymer '(8-18C5) chimeric Fab, heavy chain'
3 polymer 'Myelin Oligodendrocyte Glycoprotein'
4 water water
#
loop_
_entity_poly.entity_id
_entity_poly.type
_entity_poly.pdbx_seq_one_letter_code
_entity_poly.pdbx_strand_id
1 'polypeptide(L)'
;MKQSTIALALLPLLFTPVTKADIELTQSPSSLAVSAGEKVTMSCKSSQSLLNSGNQKNYLAWYQQKPGLPPKLLIYGAST
RESGVPDRFTGSGSGTDFTLTISSVQAEDLAVYYCQNDHSYPLTFGAGTKLEIKRTVAAPSVFIFPPSDEQLKSGTASVV
CLLNNFYPREAKVQWKVDNALQSGNSQESVTEQDSKDSTYSLSSTLTLSKADYEKHKVYACEVTHQGLSSPVTKSFNRGE
C
;
A,F
2 'polypeptide(L)'
;MKKTAIAIAVALAGFATVAQAEVKLHESGAGLVKPGASVEISCKATGYTFSSFWIEWVKQRPGHGLEWIGEILPGRGRTN
YNEKFKGKATFTAETSSNTAYMQLSSLTSEDSAVYYCATGNTMVNMPYWGQGTTVTVSSASTKGPSVFPLAPSSKSTSGG
TAALGCLVKDYFPEPVTVSWNSGALTSGVHTFPAVLQSSGLYSLSSVVTVPSSSLGTQTYICNVNHKPSNTKVDKKVEPK
SCSAWSHPQFEK
;
B,G
3 'polypeptide(L)'
;MRGSGQFRVIGPGHPIRALVGDEAELPCRISPGKNATGMEVGWYRSPFSRVVHLYRNGKDQDAEQAPEYRGRTELLKESI
GEGKVALRIQNVRFSDEGGYTCFFRDHSYQEEAAVELKVEDPFYWINPGRSRSHHHHHH
;
E,J
#
# COMPACT_ATOMS: atom_id res chain seq x y z
N ASP A 22 -3.26 -17.48 15.97
CA ASP A 22 -2.02 -18.15 15.47
C ASP A 22 -1.98 -19.58 15.99
N ILE A 23 -1.57 -20.51 15.14
CA ILE A 23 -1.46 -21.89 15.58
C ILE A 23 -0.01 -22.15 15.90
N GLU A 24 0.23 -22.81 17.04
CA GLU A 24 1.60 -23.12 17.48
C GLU A 24 1.87 -24.60 17.27
N LEU A 25 3.10 -24.97 16.95
CA LEU A 25 3.42 -26.38 16.72
C LEU A 25 4.53 -26.86 17.64
N THR A 26 4.26 -27.93 18.38
CA THR A 26 5.25 -28.44 19.32
C THR A 26 5.86 -29.76 18.87
N GLN A 27 7.17 -29.72 18.57
CA GLN A 27 7.87 -30.92 18.13
C GLN A 27 8.60 -31.58 19.28
N SER A 28 8.64 -32.89 19.22
CA SER A 28 9.27 -33.70 20.25
C SER A 28 9.50 -35.12 19.71
N PRO A 29 10.61 -35.75 20.09
CA PRO A 29 11.63 -35.19 20.98
C PRO A 29 12.28 -33.99 20.34
N SER A 30 12.98 -33.19 21.12
CA SER A 30 13.65 -32.02 20.56
C SER A 30 14.83 -32.49 19.71
N SER A 31 15.20 -33.75 19.90
CA SER A 31 16.31 -34.35 19.16
C SER A 31 16.49 -35.78 19.63
N LEU A 32 16.87 -36.67 18.73
CA LEU A 32 17.07 -38.05 19.14
C LEU A 32 18.15 -38.65 18.29
N ALA A 33 18.77 -39.72 18.78
CA ALA A 33 19.86 -40.38 18.08
C ALA A 33 19.51 -41.83 17.89
N VAL A 34 19.75 -42.34 16.69
CA VAL A 34 19.44 -43.71 16.37
C VAL A 34 20.57 -44.23 15.56
N SER A 35 20.56 -45.52 15.28
CA SER A 35 21.59 -46.13 14.46
C SER A 35 21.03 -46.43 13.08
N ALA A 36 21.88 -46.66 12.10
CA ALA A 36 21.38 -46.92 10.77
C ALA A 36 20.47 -48.12 10.80
N GLY A 37 19.29 -47.96 10.21
CA GLY A 37 18.35 -49.07 10.15
C GLY A 37 17.25 -49.12 11.18
N GLU A 38 17.37 -48.33 12.25
CA GLU A 38 16.34 -48.32 13.27
C GLU A 38 15.12 -47.51 12.82
N LYS A 39 13.98 -47.75 13.46
CA LYS A 39 12.78 -46.99 13.14
C LYS A 39 12.82 -45.74 14.04
N VAL A 40 12.37 -44.60 13.52
CA VAL A 40 12.35 -43.37 14.30
C VAL A 40 10.99 -42.76 14.14
N THR A 41 10.48 -42.12 15.19
CA THR A 41 9.15 -41.50 15.16
C THR A 41 9.19 -40.10 15.74
N MET A 42 8.71 -39.12 14.98
CA MET A 42 8.72 -37.72 15.40
C MET A 42 7.34 -37.13 15.66
N SER A 43 7.23 -36.39 16.77
CA SER A 43 5.97 -35.74 17.17
C SER A 43 5.86 -34.25 16.84
N CYS A 44 4.63 -33.84 16.55
CA CYS A 44 4.30 -32.46 16.25
C CYS A 44 2.84 -32.33 16.64
N LYS A 45 2.55 -31.52 17.65
CA LYS A 45 1.17 -31.38 18.07
C LYS A 45 0.69 -29.95 18.00
N SER A 46 -0.29 -29.73 17.12
CA SER A 46 -0.88 -28.41 16.86
C SER A 46 -1.89 -27.93 17.88
N SER A 47 -1.89 -26.62 18.10
CA SER A 47 -2.78 -26.00 19.06
C SER A 47 -4.20 -25.88 18.51
N GLN A 48 -4.33 -26.01 17.19
CA GLN A 48 -5.64 -25.94 16.57
C GLN A 48 -5.81 -27.04 15.56
N SER A 49 -7.01 -27.14 15.02
CA SER A 49 -7.27 -28.14 14.02
C SER A 49 -6.67 -27.61 12.73
N LEU A 50 -6.19 -28.52 11.89
CA LEU A 50 -5.59 -28.13 10.62
C LEU A 50 -6.33 -28.85 9.48
N LEU A 51 -7.64 -28.95 9.65
CA LEU A 51 -8.48 -29.60 8.65
C LEU A 51 -9.24 -28.62 7.76
N ASN A 52 -9.06 -28.79 6.44
CA ASN A 52 -9.80 -27.97 5.48
C ASN A 52 -11.03 -28.85 5.29
N SER A 53 -12.20 -28.27 5.47
CA SER A 53 -13.44 -29.02 5.34
C SER A 53 -13.80 -29.41 3.90
N GLY A 54 -13.47 -28.53 2.94
CA GLY A 54 -13.75 -28.80 1.54
C GLY A 54 -12.93 -29.97 0.98
N ASN A 55 -11.72 -30.16 1.52
CA ASN A 55 -10.86 -31.26 1.07
C ASN A 55 -11.04 -32.39 2.01
N GLN A 56 -11.38 -32.06 3.25
CA GLN A 56 -11.52 -33.07 4.28
C GLN A 56 -10.09 -33.59 4.39
N LYS A 57 -9.15 -32.65 4.49
CA LYS A 57 -7.72 -32.95 4.57
C LYS A 57 -7.03 -32.10 5.60
N ASN A 58 -6.10 -32.71 6.33
CA ASN A 58 -5.35 -31.97 7.37
C ASN A 58 -4.13 -31.30 6.74
N TYR A 59 -4.14 -29.96 6.65
CA TYR A 59 -3.00 -29.26 6.07
C TYR A 59 -1.76 -29.06 6.95
N LEU A 60 -0.96 -30.11 7.04
CA LEU A 60 0.28 -30.08 7.81
C LEU A 60 1.42 -30.53 6.89
N ALA A 61 2.60 -29.96 7.06
CA ALA A 61 3.74 -30.33 6.23
C ALA A 61 4.98 -30.62 7.05
N TRP A 62 5.79 -31.54 6.57
CA TRP A 62 7.03 -31.93 7.21
C TRP A 62 8.18 -31.60 6.27
N TYR A 63 9.15 -30.82 6.75
CA TYR A 63 10.32 -30.47 5.95
C TYR A 63 11.58 -31.04 6.57
N GLN A 64 12.54 -31.39 5.73
CA GLN A 64 13.83 -31.95 6.17
C GLN A 64 14.82 -30.86 5.86
N GLN A 65 15.67 -30.51 6.81
CA GLN A 65 16.65 -29.49 6.52
C GLN A 65 18.02 -29.94 6.85
N LYS A 66 18.82 -30.21 5.81
CA LYS A 66 20.20 -30.62 5.99
C LYS A 66 21.01 -29.34 6.17
N PRO A 67 22.18 -29.44 6.80
CA PRO A 67 23.03 -28.29 7.03
C PRO A 67 23.44 -27.57 5.76
N GLY A 68 23.27 -26.25 5.75
CA GLY A 68 23.68 -25.49 4.60
C GLY A 68 22.68 -25.18 3.51
N LEU A 69 21.83 -26.13 3.16
CA LEU A 69 20.86 -25.82 2.11
C LEU A 69 19.50 -25.44 2.70
N PRO A 70 18.51 -25.13 1.84
CA PRO A 70 17.17 -24.76 2.29
C PRO A 70 16.43 -25.98 2.82
N PRO A 71 15.17 -25.80 3.21
CA PRO A 71 14.37 -26.92 3.71
C PRO A 71 13.84 -27.75 2.55
N LYS A 72 13.74 -29.05 2.78
CA LYS A 72 13.22 -29.91 1.76
C LYS A 72 11.82 -30.30 2.21
N LEU A 73 10.89 -30.46 1.26
CA LEU A 73 9.53 -30.84 1.59
C LEU A 73 9.35 -32.33 1.45
N LEU A 74 9.02 -32.99 2.55
CA LEU A 74 8.84 -34.44 2.53
C LEU A 74 7.39 -34.84 2.34
N ILE A 75 6.51 -34.32 3.19
CA ILE A 75 5.10 -34.66 3.11
C ILE A 75 4.16 -33.50 3.36
N TYR A 76 3.09 -33.42 2.57
CA TYR A 76 2.10 -32.37 2.76
C TYR A 76 0.73 -32.99 2.97
N GLY A 77 -0.20 -32.21 3.50
CA GLY A 77 -1.52 -32.73 3.75
C GLY A 77 -1.52 -33.79 4.82
N ALA A 78 -0.61 -33.65 5.75
CA ALA A 78 -0.47 -34.56 6.86
C ALA A 78 0.03 -35.94 6.50
N SER A 79 -0.25 -36.39 5.28
CA SER A 79 0.21 -37.71 4.89
C SER A 79 0.24 -37.95 3.39
N THR A 80 1.11 -37.23 2.71
CA THR A 80 1.28 -37.40 1.26
C THR A 80 2.74 -37.10 0.98
N ARG A 81 3.39 -38.01 0.27
CA ARG A 81 4.80 -37.85 -0.05
C ARG A 81 5.07 -37.03 -1.29
N GLU A 82 6.03 -36.13 -1.20
CA GLU A 82 6.42 -35.31 -2.33
C GLU A 82 7.12 -36.22 -3.33
N SER A 83 7.15 -35.81 -4.59
CA SER A 83 7.80 -36.62 -5.61
C SER A 83 9.18 -36.96 -5.11
N GLY A 84 9.70 -38.12 -5.52
CA GLY A 84 11.03 -38.49 -5.11
C GLY A 84 11.29 -38.97 -3.69
N VAL A 85 10.71 -38.35 -2.68
CA VAL A 85 10.93 -38.78 -1.29
C VAL A 85 10.75 -40.30 -1.05
N PRO A 86 11.78 -40.96 -0.47
CA PRO A 86 11.78 -42.39 -0.17
C PRO A 86 10.61 -42.83 0.70
N ASP A 87 10.06 -43.99 0.35
CA ASP A 87 8.92 -44.52 1.06
C ASP A 87 9.18 -44.85 2.53
N ARG A 88 10.43 -44.86 2.96
CA ARG A 88 10.71 -45.15 4.35
C ARG A 88 10.17 -44.01 5.21
N PHE A 89 9.85 -42.90 4.54
CA PHE A 89 9.27 -41.73 5.20
C PHE A 89 7.75 -41.79 5.16
N THR A 90 7.12 -41.64 6.31
CA THR A 90 5.68 -41.68 6.34
C THR A 90 5.16 -40.75 7.40
N GLY A 91 4.15 -39.98 7.05
CA GLY A 91 3.56 -39.04 8.00
C GLY A 91 2.10 -39.35 8.23
N SER A 92 1.74 -39.66 9.47
CA SER A 92 0.36 -39.98 9.76
C SER A 92 -0.13 -38.99 10.77
N GLY A 93 -1.40 -39.12 11.12
CA GLY A 93 -2.01 -38.24 12.10
C GLY A 93 -3.25 -37.57 11.54
N SER A 94 -3.89 -36.78 12.39
CA SER A 94 -5.08 -36.01 12.07
C SER A 94 -5.55 -35.41 13.39
N GLY A 95 -6.53 -34.50 13.35
CA GLY A 95 -6.97 -33.87 14.58
C GLY A 95 -5.93 -32.80 14.86
N THR A 96 -5.38 -32.76 16.06
CA THR A 96 -4.34 -31.80 16.40
C THR A 96 -3.00 -32.52 16.62
N ASP A 97 -2.99 -33.81 16.35
CA ASP A 97 -1.80 -34.60 16.58
C ASP A 97 -1.31 -35.43 15.37
N PHE A 98 -0.06 -35.19 14.97
CA PHE A 98 0.54 -35.90 13.85
C PHE A 98 1.84 -36.49 14.26
N THR A 99 2.39 -37.30 13.35
CA THR A 99 3.66 -37.96 13.58
C THR A 99 4.41 -38.34 12.27
N LEU A 100 5.75 -38.15 12.28
CA LEU A 100 6.57 -38.52 11.14
C LEU A 100 7.37 -39.75 11.52
N THR A 101 7.33 -40.76 10.69
CA THR A 101 8.03 -42.01 10.97
C THR A 101 8.97 -42.45 9.87
N ILE A 102 10.19 -42.77 10.27
CA ILE A 102 11.18 -43.24 9.35
C ILE A 102 11.34 -44.71 9.64
N SER A 103 10.79 -45.55 8.77
CA SER A 103 10.85 -47.02 8.89
C SER A 103 12.26 -47.51 9.24
N SER A 104 13.22 -47.27 8.34
CA SER A 104 14.59 -47.70 8.57
C SER A 104 15.55 -46.56 8.27
N VAL A 105 15.96 -45.87 9.33
CA VAL A 105 16.88 -44.73 9.25
C VAL A 105 18.11 -44.98 8.38
N GLN A 106 18.61 -43.90 7.79
CA GLN A 106 19.76 -43.91 6.89
C GLN A 106 20.77 -42.88 7.35
N ALA A 107 22.00 -43.02 6.92
CA ALA A 107 23.02 -42.07 7.32
C ALA A 107 22.71 -40.70 6.80
N GLU A 108 22.23 -40.66 5.56
CA GLU A 108 21.93 -39.40 4.92
C GLU A 108 20.69 -38.75 5.45
N ASP A 109 20.00 -39.46 6.34
CA ASP A 109 18.80 -38.91 6.93
C ASP A 109 19.16 -37.91 8.06
N LEU A 110 20.43 -37.73 8.35
CA LEU A 110 20.81 -36.78 9.36
C LEU A 110 20.41 -35.40 8.89
N ALA A 111 19.63 -34.72 9.70
CA ALA A 111 19.17 -33.37 9.41
C ALA A 111 18.20 -32.90 10.49
N VAL A 112 17.58 -31.74 10.27
CA VAL A 112 16.61 -31.19 11.21
C VAL A 112 15.21 -31.35 10.60
N TYR A 113 14.24 -31.80 11.38
CA TYR A 113 12.89 -31.94 10.82
C TYR A 113 11.85 -30.98 11.42
N TYR A 114 11.31 -30.14 10.56
CA TYR A 114 10.31 -29.16 10.94
C TYR A 114 8.91 -29.55 10.41
N CYS A 115 7.87 -29.25 11.19
CA CYS A 115 6.48 -29.52 10.80
C CYS A 115 5.81 -28.18 10.68
N GLN A 116 4.84 -28.05 9.78
CA GLN A 116 4.27 -26.74 9.59
C GLN A 116 2.80 -26.58 9.32
N ASN A 117 2.19 -25.69 10.07
CA ASN A 117 0.79 -25.35 9.88
C ASN A 117 0.76 -24.80 8.46
N ASP A 118 0.23 -25.58 7.54
CA ASP A 118 0.18 -25.20 6.14
C ASP A 118 -1.27 -24.93 5.71
N HIS A 119 -2.08 -24.42 6.64
CA HIS A 119 -3.50 -24.18 6.36
C HIS A 119 -4.10 -22.86 6.84
N SER A 120 -3.61 -22.31 7.95
CA SER A 120 -4.13 -21.05 8.49
C SER A 120 -3.08 -19.98 8.60
N TYR A 121 -3.45 -18.77 8.22
CA TYR A 121 -2.51 -17.66 8.31
C TYR A 121 -2.50 -17.14 9.73
N PRO A 122 -1.33 -16.73 10.26
CA PRO A 122 -0.04 -16.73 9.59
C PRO A 122 0.57 -18.11 9.68
N LEU A 123 1.17 -18.56 8.58
CA LEU A 123 1.78 -19.87 8.54
C LEU A 123 2.80 -20.00 9.66
N THR A 124 2.95 -21.20 10.20
CA THR A 124 3.88 -21.37 11.28
C THR A 124 4.56 -22.73 11.26
N PHE A 125 5.85 -22.75 11.59
CA PHE A 125 6.63 -23.96 11.63
C PHE A 125 6.91 -24.36 13.08
N GLY A 126 7.22 -25.64 13.29
CA GLY A 126 7.53 -26.13 14.61
C GLY A 126 8.98 -25.78 14.97
N ALA A 127 9.41 -26.11 16.18
CA ALA A 127 10.77 -25.83 16.61
C ALA A 127 11.74 -26.83 16.01
N GLY A 128 11.23 -27.88 15.39
CA GLY A 128 12.08 -28.88 14.78
C GLY A 128 12.52 -29.97 15.71
N THR A 129 12.90 -31.11 15.13
CA THR A 129 13.42 -32.26 15.89
C THR A 129 14.71 -32.64 15.16
N LYS A 130 15.84 -32.47 15.83
CA LYS A 130 17.13 -32.78 15.25
C LYS A 130 17.41 -34.26 15.31
N LEU A 131 17.82 -34.84 14.19
CA LEU A 131 18.12 -36.27 14.17
C LEU A 131 19.57 -36.61 13.97
N GLU A 132 20.17 -37.09 15.05
CA GLU A 132 21.56 -37.50 15.07
C GLU A 132 21.70 -38.97 14.67
N ILE A 133 22.85 -39.33 14.13
CA ILE A 133 23.04 -40.71 13.75
C ILE A 133 24.17 -41.27 14.58
N LYS A 134 23.84 -42.15 15.54
CA LYS A 134 24.87 -42.75 16.37
C LYS A 134 25.54 -43.95 15.68
N ARG A 135 26.82 -44.19 15.97
CA ARG A 135 27.53 -45.31 15.37
C ARG A 135 28.59 -45.86 16.34
N THR A 136 29.58 -46.58 15.80
CA THR A 136 30.64 -47.14 16.62
C THR A 136 31.76 -46.13 16.58
N VAL A 137 32.83 -46.42 17.33
CA VAL A 137 33.99 -45.53 17.45
C VAL A 137 34.94 -45.53 16.26
N ALA A 138 35.57 -44.37 16.02
CA ALA A 138 36.52 -44.14 14.93
C ALA A 138 37.55 -43.03 15.27
N ALA A 139 38.81 -43.44 15.36
CA ALA A 139 39.92 -42.55 15.72
C ALA A 139 40.29 -41.52 14.68
N PRO A 140 40.56 -40.29 15.13
CA PRO A 140 40.93 -39.16 14.29
C PRO A 140 42.18 -39.33 13.49
N SER A 141 42.09 -38.92 12.23
CA SER A 141 43.21 -38.95 11.31
C SER A 141 43.83 -37.57 11.55
N VAL A 142 44.88 -37.50 12.37
CA VAL A 142 45.48 -36.22 12.68
C VAL A 142 46.42 -35.68 11.61
N PHE A 143 46.27 -34.41 11.29
CA PHE A 143 47.10 -33.73 10.30
C PHE A 143 47.44 -32.33 10.79
N ILE A 144 48.71 -31.95 10.71
CA ILE A 144 49.15 -30.63 11.15
C ILE A 144 49.65 -29.77 9.99
N PHE A 145 49.31 -28.49 10.04
CA PHE A 145 49.65 -27.55 8.98
C PHE A 145 50.43 -26.34 9.48
N PRO A 146 51.57 -26.03 8.82
CA PRO A 146 52.44 -24.89 9.16
C PRO A 146 51.97 -23.66 8.42
N PRO A 147 52.11 -22.50 9.05
CA PRO A 147 51.70 -21.21 8.47
C PRO A 147 52.25 -21.06 7.08
N SER A 148 51.43 -20.62 6.15
CA SER A 148 51.91 -20.46 4.80
C SER A 148 52.97 -19.38 4.82
N ASP A 149 53.75 -19.30 3.75
CA ASP A 149 54.79 -18.30 3.67
C ASP A 149 54.22 -16.92 3.36
N GLU A 150 53.02 -16.91 2.80
CA GLU A 150 52.38 -15.68 2.41
C GLU A 150 51.76 -14.88 3.56
N GLN A 151 51.33 -15.59 4.60
CA GLN A 151 50.67 -14.99 5.78
C GLN A 151 51.68 -14.31 6.75
N LEU A 152 52.85 -14.92 6.87
CA LEU A 152 53.92 -14.42 7.71
C LEU A 152 54.28 -12.99 7.32
N LYS A 153 54.54 -12.80 6.05
CA LYS A 153 54.91 -11.50 5.52
C LYS A 153 53.90 -10.48 6.01
N SER A 154 52.77 -10.99 6.50
CA SER A 154 51.68 -10.14 6.98
C SER A 154 51.53 -10.03 8.50
N GLY A 155 52.59 -10.38 9.25
CA GLY A 155 52.61 -10.25 10.70
C GLY A 155 52.06 -11.32 11.64
N THR A 156 51.03 -12.05 11.20
CA THR A 156 50.44 -13.10 12.01
C THR A 156 50.73 -14.48 11.51
N ALA A 157 50.64 -15.43 12.44
CA ALA A 157 50.90 -16.83 12.15
C ALA A 157 49.70 -17.70 12.51
N SER A 158 49.28 -18.58 11.60
CA SER A 158 48.15 -19.46 11.88
C SER A 158 48.60 -20.90 11.69
N VAL A 159 48.44 -21.70 12.72
CA VAL A 159 48.82 -23.10 12.65
C VAL A 159 47.55 -23.92 12.73
N VAL A 160 47.42 -24.87 11.83
CA VAL A 160 46.23 -25.71 11.79
C VAL A 160 46.47 -27.18 12.08
N CYS A 161 45.72 -27.73 13.03
CA CYS A 161 45.78 -29.13 13.42
C CYS A 161 44.39 -29.63 13.08
N LEU A 162 44.31 -30.56 12.15
CA LEU A 162 43.03 -31.12 11.71
C LEU A 162 42.76 -32.57 12.11
N LEU A 163 41.64 -32.82 12.79
CA LEU A 163 41.25 -34.18 13.19
C LEU A 163 40.25 -34.66 12.16
N ASN A 164 40.67 -35.58 11.32
CA ASN A 164 39.83 -36.07 10.23
C ASN A 164 38.93 -37.27 10.50
N ASN A 165 37.66 -37.11 10.15
CA ASN A 165 36.64 -38.13 10.30
C ASN A 165 36.69 -39.01 11.56
N PHE A 166 36.17 -38.50 12.67
CA PHE A 166 36.16 -39.27 13.92
C PHE A 166 34.79 -39.38 14.59
N TYR A 167 34.73 -40.21 15.64
CA TYR A 167 33.52 -40.44 16.39
C TYR A 167 33.88 -41.12 17.73
N PRO A 168 33.33 -40.61 18.85
CA PRO A 168 32.41 -39.50 19.04
C PRO A 168 32.97 -38.14 18.69
N ARG A 169 32.20 -37.12 19.04
CA ARG A 169 32.53 -35.75 18.80
C ARG A 169 33.44 -35.21 19.88
N GLU A 170 33.21 -35.63 21.12
CA GLU A 170 34.04 -35.11 22.21
C GLU A 170 35.48 -35.59 22.11
N ALA A 171 36.40 -34.63 22.05
CA ALA A 171 37.80 -34.94 21.93
C ALA A 171 38.65 -33.71 22.24
N LYS A 172 39.69 -33.88 23.06
CA LYS A 172 40.61 -32.79 23.41
C LYS A 172 41.68 -32.59 22.32
N VAL A 173 42.06 -31.34 22.09
CA VAL A 173 43.08 -31.02 21.11
C VAL A 173 43.89 -29.92 21.71
N GLN A 174 45.08 -30.25 22.22
CA GLN A 174 45.92 -29.26 22.88
C GLN A 174 47.22 -28.91 22.17
N TRP A 175 47.52 -27.61 22.13
CA TRP A 175 48.74 -27.10 21.51
C TRP A 175 49.90 -26.93 22.50
N LYS A 176 51.08 -27.42 22.11
CA LYS A 176 52.28 -27.31 22.93
C LYS A 176 53.36 -26.71 22.03
N VAL A 177 53.91 -25.57 22.43
CA VAL A 177 54.98 -24.96 21.66
C VAL A 177 56.28 -25.16 22.43
N ASP A 178 57.21 -25.91 21.84
CA ASP A 178 58.47 -26.19 22.54
C ASP A 178 58.05 -26.82 23.88
N ASN A 179 57.03 -27.68 23.80
CA ASN A 179 56.46 -28.39 24.95
C ASN A 179 55.75 -27.52 25.96
N ALA A 180 55.34 -26.34 25.52
CA ALA A 180 54.65 -25.42 26.40
C ALA A 180 53.16 -25.39 26.13
N LEU A 181 52.38 -25.91 27.06
CA LEU A 181 50.93 -25.91 26.89
C LEU A 181 50.50 -24.50 26.54
N GLN A 182 49.43 -24.38 25.76
CA GLN A 182 48.94 -23.06 25.39
C GLN A 182 47.55 -22.88 26.02
N SER A 183 47.02 -21.67 25.91
CA SER A 183 45.71 -21.34 26.46
C SER A 183 45.16 -20.10 25.74
N GLY A 184 43.83 -20.07 25.57
CA GLY A 184 43.19 -18.96 24.91
C GLY A 184 43.96 -18.35 23.77
N ASN A 185 44.57 -19.18 22.93
CA ASN A 185 45.35 -18.68 21.81
C ASN A 185 45.10 -19.47 20.52
N SER A 186 44.13 -20.37 20.59
CA SER A 186 43.73 -21.22 19.46
C SER A 186 42.25 -21.56 19.63
N GLN A 187 41.48 -21.49 18.55
CA GLN A 187 40.07 -21.81 18.61
C GLN A 187 39.78 -22.94 17.65
N GLU A 188 38.80 -23.75 17.98
CA GLU A 188 38.45 -24.88 17.12
C GLU A 188 37.05 -24.79 16.49
N SER A 189 36.86 -25.52 15.38
CA SER A 189 35.58 -25.54 14.69
C SER A 189 35.21 -27.00 14.47
N VAL A 190 33.93 -27.32 14.31
CA VAL A 190 33.50 -28.72 14.10
C VAL A 190 32.44 -28.84 13.00
N THR A 191 32.32 -30.02 12.42
CA THR A 191 31.35 -30.21 11.35
C THR A 191 30.16 -31.02 11.82
N GLU A 192 29.01 -30.88 11.15
CA GLU A 192 27.87 -31.66 11.52
C GLU A 192 28.24 -33.07 11.01
N GLN A 193 27.56 -34.10 11.49
CA GLN A 193 27.88 -35.46 11.06
C GLN A 193 27.92 -35.68 9.56
N ASP A 194 28.77 -36.60 9.13
CA ASP A 194 28.85 -36.90 7.72
C ASP A 194 27.57 -37.61 7.33
N SER A 195 27.11 -37.30 6.13
CA SER A 195 25.92 -37.89 5.58
C SER A 195 26.19 -39.28 5.08
N LYS A 196 27.41 -39.80 5.20
CA LYS A 196 27.69 -41.13 4.68
C LYS A 196 28.30 -42.08 5.68
N ASP A 197 29.14 -41.57 6.57
CA ASP A 197 29.75 -42.42 7.58
C ASP A 197 29.45 -41.88 9.00
N SER A 198 28.68 -40.80 9.05
CA SER A 198 28.24 -40.21 10.30
C SER A 198 29.35 -39.79 11.23
N THR A 199 30.47 -39.35 10.67
CA THR A 199 31.59 -38.94 11.49
C THR A 199 31.77 -37.43 11.62
N TYR A 200 32.80 -37.03 12.37
CA TYR A 200 33.09 -35.62 12.56
C TYR A 200 34.52 -35.32 12.15
N SER A 201 34.82 -34.02 12.05
CA SER A 201 36.15 -33.51 11.73
C SER A 201 36.31 -32.15 12.41
N LEU A 202 37.36 -32.01 13.21
CA LEU A 202 37.62 -30.77 13.94
C LEU A 202 38.90 -30.06 13.49
N SER A 203 38.83 -28.74 13.49
CA SER A 203 39.97 -27.94 13.08
C SER A 203 40.37 -26.98 14.20
N SER A 204 41.48 -27.27 14.89
CA SER A 204 41.95 -26.41 15.97
C SER A 204 43.01 -25.48 15.39
N THR A 205 42.68 -24.21 15.23
CA THR A 205 43.61 -23.25 14.66
C THR A 205 44.34 -22.42 15.71
N LEU A 206 45.67 -22.59 15.73
CA LEU A 206 46.55 -21.88 16.66
C LEU A 206 47.10 -20.62 16.02
N THR A 207 46.70 -19.47 16.55
CA THR A 207 47.13 -18.17 16.00
C THR A 207 48.20 -17.48 16.85
N LEU A 208 49.22 -16.95 16.17
CA LEU A 208 50.35 -16.28 16.80
C LEU A 208 50.81 -15.10 15.97
N SER A 209 51.83 -14.44 16.49
CA SER A 209 52.43 -13.29 15.83
C SER A 209 53.64 -13.84 15.09
N LYS A 210 54.08 -13.14 14.03
CA LYS A 210 55.25 -13.62 13.29
C LYS A 210 56.36 -13.62 14.31
N ALA A 211 56.31 -12.60 15.17
CA ALA A 211 57.27 -12.42 16.26
C ALA A 211 57.38 -13.73 17.04
N ASP A 212 56.27 -14.13 17.64
CA ASP A 212 56.22 -15.36 18.42
C ASP A 212 56.38 -16.66 17.64
N TYR A 213 56.11 -16.59 16.35
CA TYR A 213 56.19 -17.78 15.52
C TYR A 213 57.61 -18.24 15.35
N GLU A 214 58.49 -17.26 15.11
CA GLU A 214 59.90 -17.53 14.91
C GLU A 214 60.69 -17.57 16.22
N LYS A 215 60.03 -17.22 17.32
CA LYS A 215 60.65 -17.21 18.66
C LYS A 215 60.54 -18.56 19.35
N HIS A 216 60.21 -19.62 18.59
CA HIS A 216 60.08 -20.96 19.16
C HIS A 216 60.51 -21.95 18.11
N LYS A 217 60.61 -23.23 18.46
CA LYS A 217 61.12 -24.24 17.53
C LYS A 217 60.18 -25.36 17.12
N VAL A 218 59.68 -26.07 18.13
CA VAL A 218 58.80 -27.20 17.93
C VAL A 218 57.34 -26.87 18.20
N TYR A 219 56.51 -27.07 17.18
CA TYR A 219 55.07 -26.84 17.25
C TYR A 219 54.35 -28.17 17.12
N ALA A 220 53.29 -28.34 17.89
CA ALA A 220 52.55 -29.59 17.82
C ALA A 220 51.21 -29.58 18.56
N CYS A 221 50.34 -30.52 18.19
CA CYS A 221 49.06 -30.63 18.89
C CYS A 221 48.88 -32.05 19.38
N GLU A 222 48.42 -32.16 20.62
CA GLU A 222 48.18 -33.44 21.23
C GLU A 222 46.67 -33.70 21.22
N VAL A 223 46.27 -34.77 20.53
CA VAL A 223 44.87 -35.13 20.41
C VAL A 223 44.52 -36.29 21.34
N THR A 224 43.41 -36.20 22.05
CA THR A 224 42.99 -37.26 22.98
C THR A 224 41.56 -37.66 22.58
N HIS A 225 41.39 -38.88 22.09
CA HIS A 225 40.08 -39.34 21.65
C HIS A 225 39.80 -40.76 22.11
N GLN A 226 38.54 -41.16 22.05
CA GLN A 226 38.14 -42.48 22.49
C GLN A 226 38.60 -43.63 21.59
N GLY A 227 38.95 -43.31 20.35
CA GLY A 227 39.39 -44.34 19.43
C GLY A 227 40.89 -44.48 19.46
N LEU A 228 41.51 -43.66 20.29
CA LEU A 228 42.96 -43.66 20.42
C LEU A 228 43.42 -44.23 21.76
N SER A 229 44.10 -45.38 21.68
CA SER A 229 44.62 -46.05 22.87
C SER A 229 45.43 -45.09 23.74
N SER A 230 46.25 -44.27 23.11
CA SER A 230 47.05 -43.29 23.83
C SER A 230 47.08 -42.00 23.01
N PRO A 231 47.16 -40.85 23.70
CA PRO A 231 47.20 -39.57 22.97
C PRO A 231 48.12 -39.61 21.75
N VAL A 232 47.67 -39.00 20.68
CA VAL A 232 48.45 -38.92 19.46
C VAL A 232 48.99 -37.50 19.43
N THR A 233 50.22 -37.35 18.95
CA THR A 233 50.83 -36.04 18.87
C THR A 233 51.37 -35.93 17.47
N LYS A 234 51.12 -34.82 16.79
CA LYS A 234 51.63 -34.63 15.42
C LYS A 234 52.31 -33.29 15.41
N SER A 235 53.59 -33.27 15.02
CA SER A 235 54.37 -32.02 15.00
C SER A 235 55.31 -31.82 13.82
N PHE A 236 55.99 -30.68 13.85
CA PHE A 236 56.94 -30.29 12.84
C PHE A 236 57.85 -29.24 13.49
N ASN A 237 58.94 -28.87 12.84
CA ASN A 237 59.84 -27.84 13.39
C ASN A 237 59.83 -26.61 12.49
N ARG A 238 59.53 -25.44 13.06
CA ARG A 238 59.46 -24.22 12.27
C ARG A 238 60.60 -24.12 11.28
N GLY A 239 60.30 -23.70 10.06
CA GLY A 239 61.34 -23.61 9.05
C GLY A 239 61.60 -24.98 8.44
N GLU A 240 60.72 -25.40 7.54
CA GLU A 240 60.85 -26.70 6.90
C GLU A 240 60.02 -26.80 5.60
N GLU B 22 12.41 -27.89 -13.12
CA GLU B 22 12.67 -26.77 -14.02
C GLU B 22 12.28 -25.49 -13.32
N VAL B 23 11.45 -25.61 -12.30
CA VAL B 23 11.04 -24.42 -11.56
C VAL B 23 12.15 -24.18 -10.58
N LYS B 24 12.68 -22.96 -10.53
CA LYS B 24 13.74 -22.67 -9.57
C LYS B 24 13.85 -21.21 -9.24
N LEU B 25 13.97 -20.93 -7.94
CA LEU B 25 14.07 -19.57 -7.44
C LEU B 25 15.46 -19.25 -6.96
N HIS B 26 15.80 -17.98 -7.03
CA HIS B 26 17.12 -17.54 -6.60
C HIS B 26 17.04 -16.21 -5.86
N GLU B 27 17.68 -16.13 -4.70
CA GLU B 27 17.63 -14.92 -3.91
C GLU B 27 18.94 -14.19 -3.91
N SER B 28 18.87 -12.89 -3.61
CA SER B 28 20.04 -12.03 -3.56
C SER B 28 19.70 -10.67 -2.96
N GLY B 29 20.70 -10.07 -2.30
CA GLY B 29 20.52 -8.77 -1.68
C GLY B 29 21.65 -8.49 -0.71
N ALA B 30 22.06 -7.21 -0.62
CA ALA B 30 23.14 -6.78 0.28
C ALA B 30 23.23 -7.67 1.54
N GLY B 31 24.43 -8.15 1.86
CA GLY B 31 24.60 -9.01 3.01
C GLY B 31 25.03 -8.32 4.29
N LEU B 32 25.20 -6.99 4.22
CA LEU B 32 25.62 -6.22 5.39
C LEU B 32 25.00 -4.86 5.35
N VAL B 33 24.22 -4.51 6.36
CA VAL B 33 23.60 -3.19 6.36
C VAL B 33 23.55 -2.62 7.74
N LYS B 34 23.66 -1.31 7.81
CA LYS B 34 23.68 -0.56 9.06
C LYS B 34 22.33 -0.51 9.77
N PRO B 35 22.32 -0.67 11.10
CA PRO B 35 21.06 -0.63 11.85
C PRO B 35 20.22 0.57 11.45
N GLY B 36 18.91 0.45 11.63
CA GLY B 36 18.00 1.55 11.31
C GLY B 36 18.02 1.98 9.86
N ALA B 37 18.33 1.06 8.97
CA ALA B 37 18.33 1.38 7.56
C ALA B 37 17.29 0.45 6.90
N SER B 38 17.46 0.19 5.60
CA SER B 38 16.53 -0.65 4.87
C SER B 38 17.23 -1.52 3.84
N VAL B 39 16.82 -2.79 3.78
CA VAL B 39 17.39 -3.73 2.84
C VAL B 39 16.29 -4.30 1.93
N GLU B 40 16.60 -4.52 0.66
CA GLU B 40 15.62 -5.02 -0.25
C GLU B 40 16.13 -6.27 -0.89
N ILE B 41 15.85 -7.41 -0.27
CA ILE B 41 16.28 -8.68 -0.83
C ILE B 41 15.39 -9.01 -2.02
N SER B 42 15.96 -9.53 -3.09
CA SER B 42 15.16 -9.84 -4.25
C SER B 42 15.17 -11.33 -4.53
N CYS B 43 14.06 -11.81 -5.09
CA CYS B 43 13.84 -13.22 -5.43
C CYS B 43 13.55 -13.38 -6.92
N LYS B 44 14.43 -14.07 -7.62
CA LYS B 44 14.27 -14.28 -9.05
C LYS B 44 13.74 -15.66 -9.30
N ALA B 45 12.68 -15.74 -10.08
CA ALA B 45 12.09 -17.02 -10.39
C ALA B 45 12.16 -17.35 -11.88
N THR B 46 12.51 -18.60 -12.18
CA THR B 46 12.63 -19.07 -13.56
C THR B 46 12.06 -20.49 -13.74
N GLY B 47 11.39 -20.69 -14.86
CA GLY B 47 10.82 -22.00 -15.12
C GLY B 47 9.31 -22.04 -15.03
N TYR B 48 8.62 -20.91 -15.19
CA TYR B 48 7.16 -20.94 -15.10
C TYR B 48 6.45 -19.61 -15.31
N THR B 49 5.13 -19.67 -15.39
CA THR B 49 4.33 -18.46 -15.54
C THR B 49 4.37 -17.71 -14.21
N PHE B 50 5.46 -16.98 -14.03
CA PHE B 50 5.74 -16.20 -12.85
C PHE B 50 4.56 -15.50 -12.19
N SER B 51 3.60 -15.04 -12.99
CA SER B 51 2.51 -14.27 -12.43
C SER B 51 1.30 -14.94 -11.81
N SER B 52 1.25 -16.26 -11.81
CA SER B 52 0.07 -16.88 -11.25
C SER B 52 0.32 -17.78 -10.04
N PHE B 53 1.50 -17.65 -9.44
CA PHE B 53 1.80 -18.43 -8.25
C PHE B 53 2.26 -17.55 -7.13
N TRP B 54 1.70 -17.73 -5.94
CA TRP B 54 2.09 -16.93 -4.79
C TRP B 54 3.51 -17.23 -4.32
N ILE B 55 4.25 -16.17 -4.03
CA ILE B 55 5.62 -16.32 -3.58
C ILE B 55 5.64 -16.10 -2.10
N GLU B 56 6.31 -16.99 -1.38
CA GLU B 56 6.38 -16.92 0.08
C GLU B 56 7.73 -16.44 0.58
N TRP B 57 7.75 -15.63 1.62
CA TRP B 57 9.03 -15.18 2.15
C TRP B 57 9.23 -15.70 3.54
N VAL B 58 10.32 -16.44 3.75
CA VAL B 58 10.62 -17.04 5.04
C VAL B 58 11.93 -16.62 5.71
N LYS B 59 11.86 -16.10 6.93
CA LYS B 59 13.05 -15.71 7.71
C LYS B 59 13.53 -16.89 8.57
N GLN B 60 14.84 -17.02 8.75
CA GLN B 60 15.37 -18.09 9.59
C GLN B 60 16.70 -17.66 10.20
N ARG B 61 16.85 -17.89 11.50
CA ARG B 61 18.07 -17.53 12.21
C ARG B 61 18.35 -18.67 13.17
N PRO B 62 19.61 -19.15 13.23
CA PRO B 62 20.16 -20.25 14.05
C PRO B 62 19.45 -20.62 15.36
N GLY B 63 19.33 -19.65 16.27
CA GLY B 63 18.69 -19.91 17.55
C GLY B 63 17.20 -20.10 17.39
N HIS B 64 16.80 -20.19 16.13
CA HIS B 64 15.39 -20.36 15.83
C HIS B 64 15.18 -21.17 14.56
N GLY B 65 13.90 -21.39 14.30
CA GLY B 65 13.48 -22.12 13.15
C GLY B 65 13.00 -21.11 12.15
N LEU B 66 12.15 -21.59 11.26
CA LEU B 66 11.58 -20.81 10.18
C LEU B 66 10.49 -19.89 10.64
N GLU B 67 10.42 -18.73 9.98
CA GLU B 67 9.41 -17.72 10.26
C GLU B 67 8.77 -17.39 8.93
N TRP B 68 7.44 -17.32 8.89
CA TRP B 68 6.77 -16.99 7.65
C TRP B 68 6.55 -15.51 7.68
N ILE B 69 6.93 -14.80 6.64
CA ILE B 69 6.73 -13.36 6.66
C ILE B 69 5.45 -12.94 5.95
N GLY B 70 5.24 -13.51 4.76
CA GLY B 70 4.06 -13.18 3.98
C GLY B 70 4.16 -13.81 2.62
N GLU B 71 3.39 -13.28 1.67
CA GLU B 71 3.39 -13.81 0.31
C GLU B 71 2.98 -12.70 -0.65
N ILE B 72 3.08 -12.98 -1.93
CA ILE B 72 2.70 -12.00 -2.93
C ILE B 72 2.43 -12.68 -4.24
N LEU B 73 1.41 -12.18 -4.92
CA LEU B 73 1.00 -12.70 -6.21
C LEU B 73 1.49 -11.70 -7.24
N PRO B 74 2.59 -12.04 -7.92
CA PRO B 74 3.17 -11.17 -8.95
C PRO B 74 2.12 -10.88 -10.00
N GLY B 75 2.09 -9.67 -10.53
CA GLY B 75 1.08 -9.39 -11.53
C GLY B 75 -0.12 -8.78 -10.87
N ARG B 76 -1.00 -9.59 -10.30
CA ARG B 76 -2.16 -9.00 -9.63
C ARG B 76 -1.59 -7.95 -8.67
N GLY B 77 -0.47 -8.29 -8.03
CA GLY B 77 0.17 -7.40 -7.08
C GLY B 77 -0.34 -7.53 -5.66
N ARG B 78 -1.06 -8.62 -5.40
CA ARG B 78 -1.66 -8.90 -4.10
C ARG B 78 -0.67 -9.24 -2.99
N THR B 79 -0.97 -8.79 -1.78
CA THR B 79 -0.09 -9.01 -0.65
C THR B 79 -0.80 -9.53 0.59
N ASN B 80 -0.05 -10.28 1.38
CA ASN B 80 -0.55 -10.82 2.64
C ASN B 80 0.62 -10.89 3.58
N TYR B 81 0.62 -10.04 4.59
CA TYR B 81 1.76 -10.11 5.50
C TYR B 81 1.43 -10.67 6.89
N ASN B 82 2.46 -11.16 7.56
CA ASN B 82 2.31 -11.67 8.90
C ASN B 82 2.15 -10.43 9.76
N GLU B 83 1.24 -10.46 10.72
CA GLU B 83 1.00 -9.29 11.57
C GLU B 83 2.30 -8.67 12.11
N LYS B 84 3.15 -9.50 12.71
CA LYS B 84 4.41 -9.01 13.29
C LYS B 84 5.36 -8.36 12.28
N PHE B 85 5.23 -8.71 11.01
CA PHE B 85 6.10 -8.10 10.00
C PHE B 85 5.46 -6.93 9.29
N LYS B 86 4.20 -6.64 9.61
CA LYS B 86 3.51 -5.52 8.98
C LYS B 86 4.25 -4.23 9.31
N GLY B 87 4.61 -3.49 8.27
CA GLY B 87 5.35 -2.25 8.47
C GLY B 87 6.85 -2.48 8.33
N LYS B 88 7.29 -3.63 8.84
CA LYS B 88 8.68 -4.02 8.73
C LYS B 88 8.97 -4.35 7.28
N ALA B 89 8.24 -5.34 6.77
CA ALA B 89 8.43 -5.83 5.42
C ALA B 89 7.46 -5.25 4.41
N THR B 90 7.84 -5.31 3.13
CA THR B 90 7.03 -4.80 2.03
C THR B 90 7.40 -5.49 0.73
N PHE B 91 6.41 -6.10 0.07
CA PHE B 91 6.64 -6.83 -1.17
C PHE B 91 6.22 -6.12 -2.42
N THR B 92 6.78 -6.54 -3.54
CA THR B 92 6.44 -5.97 -4.83
C THR B 92 7.16 -6.81 -5.82
N ALA B 93 6.88 -6.61 -7.09
CA ALA B 93 7.54 -7.40 -8.11
C ALA B 93 7.43 -6.71 -9.44
N GLU B 94 8.26 -7.15 -10.39
CA GLU B 94 8.21 -6.58 -11.73
C GLU B 94 8.22 -7.71 -12.71
N THR B 95 7.05 -7.97 -13.28
CA THR B 95 6.87 -9.03 -14.25
C THR B 95 7.98 -9.00 -15.28
N SER B 96 8.41 -7.80 -15.63
CA SER B 96 9.47 -7.59 -16.61
C SER B 96 10.70 -8.46 -16.40
N SER B 97 11.00 -8.80 -15.14
CA SER B 97 12.16 -9.60 -14.81
C SER B 97 11.89 -10.84 -13.98
N ASN B 98 10.61 -11.16 -13.75
CA ASN B 98 10.25 -12.31 -12.93
C ASN B 98 10.95 -12.20 -11.57
N THR B 99 10.94 -11.01 -11.02
CA THR B 99 11.59 -10.80 -9.75
C THR B 99 10.62 -10.22 -8.76
N ALA B 100 10.60 -10.87 -7.61
CA ALA B 100 9.75 -10.47 -6.51
C ALA B 100 10.69 -9.85 -5.48
N TYR B 101 10.28 -8.75 -4.88
CA TYR B 101 11.13 -8.11 -3.92
C TYR B 101 10.50 -8.02 -2.54
N MET B 102 11.36 -7.88 -1.54
CA MET B 102 10.97 -7.71 -0.14
C MET B 102 11.87 -6.63 0.42
N GLN B 103 11.29 -5.61 1.03
CA GLN B 103 12.09 -4.55 1.59
C GLN B 103 11.88 -4.44 3.09
N LEU B 104 12.84 -4.89 3.87
CA LEU B 104 12.76 -4.81 5.33
C LEU B 104 13.28 -3.42 5.73
N SER B 105 12.65 -2.79 6.69
CA SER B 105 13.09 -1.46 7.10
C SER B 105 13.41 -1.32 8.59
N SER B 106 14.14 -0.25 8.96
CA SER B 106 14.56 0.01 10.33
C SER B 106 15.11 -1.29 10.83
N LEU B 107 16.07 -1.84 10.07
CA LEU B 107 16.70 -3.12 10.42
C LEU B 107 17.32 -3.20 11.82
N THR B 108 17.18 -4.37 12.43
CA THR B 108 17.67 -4.64 13.76
C THR B 108 18.45 -5.93 13.71
N SER B 109 19.15 -6.22 14.78
CA SER B 109 19.94 -7.43 14.82
C SER B 109 18.98 -8.59 14.70
N GLU B 110 17.76 -8.41 15.19
CA GLU B 110 16.76 -9.46 15.11
C GLU B 110 16.57 -9.73 13.62
N ASP B 111 16.75 -8.69 12.84
CA ASP B 111 16.60 -8.77 11.41
C ASP B 111 17.81 -9.42 10.78
N SER B 112 18.68 -9.99 11.60
CA SER B 112 19.86 -10.64 11.09
C SER B 112 19.56 -12.09 10.87
N ALA B 113 19.48 -12.50 9.60
CA ALA B 113 19.22 -13.89 9.28
C ALA B 113 19.30 -14.22 7.81
N VAL B 114 18.91 -15.45 7.50
CA VAL B 114 18.88 -15.97 6.15
C VAL B 114 17.42 -15.95 5.69
N TYR B 115 17.13 -15.09 4.72
CA TYR B 115 15.79 -14.99 4.19
C TYR B 115 15.61 -15.82 2.94
N TYR B 116 14.52 -16.58 2.89
CA TYR B 116 14.22 -17.39 1.72
C TYR B 116 12.95 -16.88 1.03
N CYS B 117 12.69 -17.42 -0.15
CA CYS B 117 11.45 -17.13 -0.87
C CYS B 117 11.10 -18.48 -1.45
N ALA B 118 9.85 -18.87 -1.32
CA ALA B 118 9.39 -20.14 -1.83
C ALA B 118 8.12 -19.94 -2.66
N THR B 119 7.91 -20.86 -3.59
CA THR B 119 6.77 -20.79 -4.48
C THR B 119 6.22 -22.19 -4.54
N GLY B 120 5.11 -22.37 -5.25
CA GLY B 120 4.52 -23.69 -5.35
C GLY B 120 3.74 -24.02 -6.61
N ASN B 121 2.80 -24.95 -6.47
CA ASN B 121 1.96 -25.36 -7.59
C ASN B 121 0.51 -25.60 -7.20
N THR B 122 -0.22 -26.21 -8.11
CA THR B 122 -1.62 -26.51 -7.93
C THR B 122 -1.97 -27.44 -6.77
N MET B 123 -1.00 -28.22 -6.29
CA MET B 123 -1.26 -29.17 -5.21
C MET B 123 -0.50 -28.91 -3.92
N VAL B 124 0.49 -28.02 -4.00
CA VAL B 124 1.33 -27.68 -2.85
C VAL B 124 1.85 -26.27 -2.93
N ASN B 125 1.86 -25.60 -1.79
CA ASN B 125 2.38 -24.26 -1.69
C ASN B 125 3.66 -24.41 -0.91
N MET B 126 4.76 -23.97 -1.49
CA MET B 126 6.09 -24.06 -0.88
C MET B 126 6.82 -25.41 -1.04
N PRO B 127 6.86 -25.95 -2.26
CA PRO B 127 7.55 -27.21 -2.51
C PRO B 127 8.90 -26.80 -3.07
N TYR B 128 8.98 -25.55 -3.52
CA TYR B 128 10.17 -24.96 -4.13
C TYR B 128 10.76 -23.85 -3.29
N TRP B 129 12.05 -23.97 -2.97
CA TRP B 129 12.71 -22.97 -2.17
C TRP B 129 14.00 -22.49 -2.84
N GLY B 130 14.24 -21.18 -2.76
CA GLY B 130 15.46 -20.63 -3.33
C GLY B 130 16.64 -21.03 -2.47
N GLN B 131 17.83 -20.56 -2.81
CA GLN B 131 19.02 -20.94 -2.04
C GLN B 131 19.13 -20.10 -0.76
N GLY B 132 18.32 -19.06 -0.69
CA GLY B 132 18.36 -18.19 0.48
C GLY B 132 19.63 -17.36 0.47
N THR B 133 19.57 -16.15 1.01
CA THR B 133 20.74 -15.28 1.09
C THR B 133 20.86 -14.83 2.53
N THR B 134 22.08 -14.51 2.94
CA THR B 134 22.24 -14.09 4.30
C THR B 134 22.21 -12.59 4.37
N VAL B 135 21.79 -12.09 5.52
CA VAL B 135 21.72 -10.67 5.81
C VAL B 135 22.01 -10.51 7.29
N THR B 136 22.98 -9.64 7.58
CA THR B 136 23.43 -9.30 8.93
C THR B 136 23.37 -7.79 9.11
N VAL B 137 22.76 -7.36 10.20
CA VAL B 137 22.65 -5.96 10.48
C VAL B 137 23.78 -5.62 11.46
N SER B 138 24.51 -4.54 11.15
CA SER B 138 25.66 -4.11 11.94
C SER B 138 26.30 -2.81 11.45
N SER B 139 26.62 -1.93 12.39
CA SER B 139 27.25 -0.68 12.02
C SER B 139 28.74 -0.96 11.93
N ALA B 140 29.11 -2.02 11.21
CA ALA B 140 30.51 -2.40 11.04
C ALA B 140 30.82 -2.59 9.55
N SER B 141 32.09 -2.47 9.16
CA SER B 141 32.44 -2.60 7.75
C SER B 141 32.98 -3.92 7.23
N THR B 142 32.62 -4.15 5.98
CA THR B 142 32.97 -5.33 5.22
C THR B 142 34.45 -5.52 4.95
N LYS B 143 34.92 -6.77 5.05
CA LYS B 143 36.31 -7.12 4.78
C LYS B 143 36.47 -8.26 3.82
N GLY B 144 37.41 -8.10 2.90
CA GLY B 144 37.69 -9.13 1.95
C GLY B 144 38.60 -10.19 2.57
N PRO B 145 38.31 -11.47 2.35
CA PRO B 145 39.14 -12.53 2.91
C PRO B 145 40.55 -12.53 2.36
N SER B 146 41.40 -13.26 3.08
CA SER B 146 42.78 -13.44 2.70
C SER B 146 42.68 -14.93 2.63
N VAL B 147 43.26 -15.53 1.61
CA VAL B 147 43.21 -16.97 1.43
C VAL B 147 44.62 -17.55 1.44
N PHE B 148 44.96 -18.25 2.51
CA PHE B 148 46.27 -18.85 2.67
C PHE B 148 46.23 -20.36 2.59
N PRO B 149 46.80 -20.93 1.52
CA PRO B 149 46.83 -22.38 1.30
C PRO B 149 47.39 -23.25 2.42
N LEU B 150 46.81 -24.45 2.54
CA LEU B 150 47.25 -25.42 3.52
C LEU B 150 47.89 -26.51 2.67
N ALA B 151 49.20 -26.42 2.57
CA ALA B 151 49.99 -27.32 1.77
C ALA B 151 50.05 -28.79 2.17
N PRO B 152 49.83 -29.70 1.21
CA PRO B 152 49.85 -31.15 1.36
C PRO B 152 51.30 -31.42 1.73
N SER B 153 51.56 -32.51 2.42
CA SER B 153 52.95 -32.77 2.78
C SER B 153 53.09 -34.15 3.37
N SER B 154 54.27 -34.36 3.94
CA SER B 154 54.60 -35.63 4.56
C SER B 154 53.91 -35.62 5.91
N LYS B 155 53.84 -34.42 6.50
CA LYS B 155 53.19 -34.20 7.79
C LYS B 155 51.69 -34.02 7.58
N SER B 156 51.28 -34.21 6.32
CA SER B 156 49.88 -34.11 5.87
C SER B 156 49.45 -35.43 5.17
N THR B 157 50.43 -36.33 4.99
CA THR B 157 50.18 -37.60 4.36
C THR B 157 50.02 -38.66 5.45
N SER B 158 48.94 -39.43 5.31
CA SER B 158 48.61 -40.56 6.19
C SER B 158 48.13 -41.56 5.15
N GLY B 159 48.70 -42.76 5.18
CA GLY B 159 48.36 -43.79 4.20
C GLY B 159 48.67 -43.27 2.80
N GLY B 160 47.93 -43.79 1.81
CA GLY B 160 48.13 -43.33 0.44
C GLY B 160 47.20 -42.14 0.27
N THR B 161 46.89 -41.51 1.42
CA THR B 161 45.99 -40.38 1.47
C THR B 161 46.65 -39.15 2.05
N ALA B 162 46.46 -38.03 1.37
CA ALA B 162 47.04 -36.76 1.80
C ALA B 162 45.98 -35.67 2.00
N ALA B 163 46.23 -34.79 2.95
CA ALA B 163 45.31 -33.72 3.23
C ALA B 163 45.87 -32.36 2.82
N LEU B 164 45.10 -31.61 2.05
CA LEU B 164 45.54 -30.29 1.65
C LEU B 164 44.43 -29.38 2.08
N GLY B 165 44.34 -28.19 1.51
CA GLY B 165 43.27 -27.31 1.92
C GLY B 165 43.60 -25.83 1.85
N CYS B 166 42.61 -24.99 2.20
CA CYS B 166 42.78 -23.56 2.20
C CYS B 166 42.35 -23.00 3.54
N LEU B 167 42.81 -21.78 3.82
CA LEU B 167 42.51 -21.11 5.08
C LEU B 167 41.97 -19.75 4.74
N VAL B 168 40.67 -19.60 4.82
CA VAL B 168 40.04 -18.31 4.54
C VAL B 168 40.06 -17.50 5.81
N LYS B 169 40.74 -16.37 5.76
CA LYS B 169 40.88 -15.56 6.94
C LYS B 169 40.44 -14.09 6.88
N ASP B 170 39.99 -13.60 8.04
CA ASP B 170 39.61 -12.20 8.25
C ASP B 170 38.60 -11.59 7.30
N TYR B 171 37.46 -12.21 7.21
CA TYR B 171 36.44 -11.64 6.37
C TYR B 171 35.25 -11.39 7.25
N PHE B 172 34.43 -10.45 6.82
CA PHE B 172 33.22 -10.10 7.54
C PHE B 172 32.29 -9.38 6.55
N PRO B 173 30.99 -9.66 6.61
CA PRO B 173 30.34 -10.62 7.50
C PRO B 173 30.21 -11.93 6.77
N GLU B 174 29.55 -12.91 7.36
CA GLU B 174 29.36 -14.14 6.63
C GLU B 174 28.42 -13.73 5.49
N PRO B 175 28.29 -14.57 4.47
CA PRO B 175 28.96 -15.86 4.31
C PRO B 175 29.99 -15.85 3.18
N VAL B 176 30.67 -16.99 3.07
CA VAL B 176 31.64 -17.22 2.00
C VAL B 176 31.29 -18.56 1.37
N THR B 177 31.53 -18.70 0.07
CA THR B 177 31.27 -19.98 -0.58
C THR B 177 32.60 -20.48 -1.09
N VAL B 178 33.00 -21.66 -0.63
CA VAL B 178 34.26 -22.26 -1.01
C VAL B 178 34.11 -23.60 -1.73
N SER B 179 34.72 -23.71 -2.89
CA SER B 179 34.67 -24.94 -3.66
C SER B 179 36.05 -25.32 -4.18
N TRP B 180 36.19 -26.55 -4.68
CA TRP B 180 37.45 -27.02 -5.24
C TRP B 180 37.32 -27.47 -6.70
N ASN B 181 38.09 -26.81 -7.58
CA ASN B 181 38.10 -27.07 -9.02
C ASN B 181 36.75 -26.72 -9.64
N SER B 182 36.06 -25.82 -8.97
CA SER B 182 34.75 -25.38 -9.41
C SER B 182 33.74 -26.53 -9.45
N GLY B 183 34.08 -27.66 -8.84
CA GLY B 183 33.18 -28.80 -8.83
C GLY B 183 33.88 -30.09 -9.20
N ALA B 184 35.06 -30.00 -9.82
CA ALA B 184 35.81 -31.20 -10.22
C ALA B 184 36.27 -31.99 -8.99
N LEU B 185 35.73 -31.60 -7.84
CA LEU B 185 36.05 -32.27 -6.60
C LEU B 185 34.93 -31.99 -5.63
N THR B 186 34.52 -33.02 -4.91
CA THR B 186 33.45 -32.89 -3.95
C THR B 186 33.67 -33.80 -2.77
N SER B 187 33.97 -35.07 -3.03
CA SER B 187 34.16 -35.99 -1.94
C SER B 187 35.41 -35.71 -1.15
N GLY B 188 35.27 -35.87 0.18
CA GLY B 188 36.38 -35.65 1.10
C GLY B 188 36.60 -34.20 1.44
N VAL B 189 35.72 -33.33 0.96
CA VAL B 189 35.85 -31.91 1.21
C VAL B 189 35.11 -31.44 2.45
N HIS B 190 35.85 -31.10 3.50
CA HIS B 190 35.27 -30.57 4.73
C HIS B 190 35.53 -29.07 4.79
N THR B 191 34.48 -28.27 4.69
CA THR B 191 34.62 -26.83 4.78
C THR B 191 34.05 -26.58 6.16
N PHE B 192 34.87 -26.06 7.05
CA PHE B 192 34.44 -25.83 8.41
C PHE B 192 33.52 -24.65 8.67
N PRO B 193 32.64 -24.79 9.64
CA PRO B 193 31.77 -23.68 9.91
C PRO B 193 32.67 -22.53 10.37
N ALA B 194 32.38 -21.30 9.94
CA ALA B 194 33.19 -20.14 10.33
C ALA B 194 33.39 -20.04 11.84
N VAL B 195 34.14 -19.05 12.29
CA VAL B 195 34.33 -18.87 13.71
C VAL B 195 34.56 -17.41 13.95
N LEU B 196 34.26 -16.94 15.14
CA LEU B 196 34.43 -15.54 15.42
C LEU B 196 35.78 -15.29 16.08
N GLN B 197 36.67 -14.64 15.33
CA GLN B 197 38.00 -14.31 15.82
C GLN B 197 37.84 -13.09 16.74
N SER B 198 38.68 -13.01 17.76
CA SER B 198 38.63 -11.91 18.71
C SER B 198 38.80 -10.58 18.01
N SER B 199 39.17 -10.61 16.74
CA SER B 199 39.33 -9.39 15.97
C SER B 199 38.00 -8.92 15.41
N GLY B 200 36.93 -9.67 15.72
CA GLY B 200 35.60 -9.32 15.22
C GLY B 200 35.37 -9.82 13.80
N LEU B 201 36.37 -10.48 13.22
CA LEU B 201 36.24 -11.01 11.87
C LEU B 201 36.10 -12.53 11.88
N TYR B 202 35.64 -13.08 10.76
CA TYR B 202 35.46 -14.53 10.66
C TYR B 202 36.67 -15.24 10.07
N SER B 203 36.82 -16.52 10.39
CA SER B 203 37.94 -17.31 9.90
C SER B 203 37.43 -18.70 9.57
N LEU B 204 38.00 -19.31 8.56
CA LEU B 204 37.57 -20.65 8.15
C LEU B 204 38.64 -21.42 7.39
N SER B 205 38.69 -22.74 7.60
CA SER B 205 39.63 -23.58 6.88
C SER B 205 38.79 -24.58 6.12
N SER B 206 39.19 -24.84 4.88
CA SER B 206 38.49 -25.78 4.01
C SER B 206 39.48 -26.83 3.57
N VAL B 207 39.35 -28.04 4.14
CA VAL B 207 40.26 -29.13 3.80
C VAL B 207 39.63 -30.20 2.89
N VAL B 208 40.49 -30.95 2.22
CA VAL B 208 40.07 -32.02 1.33
C VAL B 208 41.27 -32.93 1.17
N THR B 209 41.01 -34.20 1.44
CA THR B 209 42.02 -35.23 1.37
C THR B 209 42.01 -35.96 0.03
N VAL B 210 43.19 -36.29 -0.45
CA VAL B 210 43.32 -36.96 -1.74
C VAL B 210 44.48 -37.97 -1.78
N PRO B 211 44.54 -38.78 -2.83
CA PRO B 211 45.62 -39.77 -2.96
C PRO B 211 47.01 -39.12 -3.01
N SER B 212 47.94 -39.69 -2.25
CA SER B 212 49.29 -39.15 -2.23
C SER B 212 49.74 -39.05 -3.67
N SER B 213 49.32 -40.06 -4.45
CA SER B 213 49.61 -40.16 -5.88
C SER B 213 49.05 -38.97 -6.63
N SER B 214 47.74 -38.77 -6.47
CA SER B 214 47.00 -37.70 -7.12
C SER B 214 47.77 -36.36 -7.20
N LEU B 215 48.20 -35.90 -6.03
CA LEU B 215 48.92 -34.64 -5.87
C LEU B 215 49.90 -34.28 -7.01
N GLY B 216 50.60 -35.28 -7.51
CA GLY B 216 51.57 -35.03 -8.55
C GLY B 216 51.06 -34.68 -9.94
N THR B 217 49.80 -34.97 -10.23
CA THR B 217 49.22 -34.68 -11.56
C THR B 217 47.97 -33.81 -11.50
N GLN B 218 47.40 -33.77 -10.31
CA GLN B 218 46.17 -33.07 -10.02
C GLN B 218 46.23 -31.58 -9.70
N THR B 219 45.40 -30.80 -10.40
CA THR B 219 45.32 -29.37 -10.20
C THR B 219 44.35 -29.08 -9.05
N TYR B 220 44.88 -28.95 -7.84
CA TYR B 220 44.06 -28.70 -6.66
C TYR B 220 43.84 -27.24 -6.27
N ILE B 221 42.71 -26.67 -6.70
CA ILE B 221 42.39 -25.26 -6.44
C ILE B 221 41.09 -25.02 -5.65
N CYS B 222 41.18 -24.19 -4.62
CA CYS B 222 40.01 -23.85 -3.84
C CYS B 222 39.45 -22.52 -4.34
N ASN B 223 38.16 -22.52 -4.71
CA ASN B 223 37.48 -21.34 -5.23
C ASN B 223 36.79 -20.60 -4.10
N VAL B 224 37.38 -19.51 -3.62
CA VAL B 224 36.77 -18.77 -2.54
C VAL B 224 35.89 -17.65 -3.08
N ASN B 225 34.75 -17.43 -2.44
CA ASN B 225 33.86 -16.38 -2.88
C ASN B 225 33.18 -15.68 -1.71
N HIS B 226 33.29 -14.35 -1.66
CA HIS B 226 32.68 -13.53 -0.62
C HIS B 226 32.04 -12.31 -1.27
N LYS B 227 30.82 -12.51 -1.75
CA LYS B 227 30.08 -11.45 -2.42
C LYS B 227 30.02 -10.16 -1.64
N PRO B 228 29.68 -10.22 -0.33
CA PRO B 228 29.60 -9.01 0.47
C PRO B 228 30.85 -8.18 0.36
N SER B 229 31.76 -8.59 -0.51
CA SER B 229 33.00 -7.87 -0.68
C SER B 229 33.42 -7.88 -2.14
N ASN B 230 32.78 -8.73 -2.94
CA ASN B 230 33.05 -8.91 -4.37
C ASN B 230 34.19 -9.89 -4.63
N THR B 231 34.88 -10.29 -3.56
CA THR B 231 36.01 -11.19 -3.63
C THR B 231 35.72 -12.57 -4.26
N LYS B 232 36.58 -12.95 -5.20
CA LYS B 232 36.53 -14.23 -5.92
C LYS B 232 38.00 -14.70 -6.13
N VAL B 233 38.61 -15.30 -5.11
CA VAL B 233 40.00 -15.76 -5.21
C VAL B 233 40.16 -17.20 -5.61
N ASP B 234 41.18 -17.51 -6.41
CA ASP B 234 41.44 -18.88 -6.83
C ASP B 234 42.84 -19.22 -6.45
N LYS B 235 42.99 -19.94 -5.36
CA LYS B 235 44.28 -20.27 -4.83
C LYS B 235 44.62 -21.72 -5.12
N LYS B 236 45.67 -21.92 -5.91
CA LYS B 236 46.13 -23.26 -6.22
C LYS B 236 46.98 -23.73 -5.01
N VAL B 237 46.66 -24.89 -4.47
CA VAL B 237 47.36 -25.41 -3.31
C VAL B 237 48.24 -26.62 -3.63
N GLU B 238 49.54 -26.41 -3.79
CA GLU B 238 50.42 -27.55 -4.07
C GLU B 238 51.50 -27.68 -3.02
N PRO B 239 52.15 -28.85 -2.94
CA PRO B 239 53.20 -29.15 -1.98
C PRO B 239 54.30 -28.11 -1.87
N LYS B 240 54.94 -27.80 -3.00
CA LYS B 240 56.03 -26.81 -3.01
C LYS B 240 56.67 -26.61 -4.40
N SER B 241 57.77 -25.84 -4.41
CA SER B 241 58.56 -25.53 -5.61
C SER B 241 60.01 -25.51 -5.12
N CYS B 242 60.30 -26.44 -4.18
CA CYS B 242 61.60 -26.63 -3.51
C CYS B 242 62.60 -27.43 -4.34
N GLY C 3 -0.03 -32.05 -16.37
CA GLY C 3 0.54 -32.08 -15.03
C GLY C 3 0.34 -30.72 -14.37
N SER C 4 -0.46 -29.90 -15.04
CA SER C 4 -0.73 -28.56 -14.57
C SER C 4 -2.21 -28.30 -14.36
N GLY C 5 -2.63 -28.27 -13.10
CA GLY C 5 -4.02 -27.98 -12.86
C GLY C 5 -4.21 -26.52 -13.24
N GLN C 6 -3.18 -25.88 -13.80
CA GLN C 6 -3.28 -24.46 -14.14
C GLN C 6 -4.45 -24.20 -15.09
N PHE C 7 -5.46 -23.53 -14.54
CA PHE C 7 -6.67 -23.23 -15.27
C PHE C 7 -6.90 -21.75 -15.49
N ARG C 8 -7.75 -21.47 -16.46
CA ARG C 8 -8.07 -20.10 -16.77
C ARG C 8 -9.41 -19.82 -16.13
N VAL C 9 -9.59 -18.63 -15.58
CA VAL C 9 -10.86 -18.29 -14.94
C VAL C 9 -11.74 -17.52 -15.91
N ILE C 10 -13.01 -17.92 -15.99
CA ILE C 10 -13.93 -17.29 -16.92
C ILE C 10 -15.17 -16.66 -16.31
N GLY C 11 -15.53 -15.49 -16.82
CA GLY C 11 -16.68 -14.79 -16.34
C GLY C 11 -17.69 -14.48 -17.43
N PRO C 12 -18.74 -13.71 -17.12
CA PRO C 12 -19.78 -13.35 -18.07
C PRO C 12 -19.31 -13.14 -19.50
N GLY C 13 -18.42 -12.18 -19.68
CA GLY C 13 -17.92 -11.87 -21.01
C GLY C 13 -18.61 -10.64 -21.54
N HIS C 14 -19.64 -10.23 -20.81
CA HIS C 14 -20.45 -9.06 -21.12
C HIS C 14 -21.04 -8.66 -19.79
N PRO C 15 -21.35 -7.38 -19.62
CA PRO C 15 -21.91 -6.87 -18.36
C PRO C 15 -23.18 -7.56 -17.93
N ILE C 16 -23.40 -7.59 -16.62
CA ILE C 16 -24.60 -8.19 -16.10
C ILE C 16 -25.53 -7.09 -15.71
N ARG C 17 -26.79 -7.26 -16.10
CA ARG C 17 -27.83 -6.29 -15.85
C ARG C 17 -28.72 -6.67 -14.71
N ALA C 18 -29.22 -5.65 -14.03
CA ALA C 18 -30.15 -5.82 -12.93
C ALA C 18 -30.89 -4.50 -12.66
N LEU C 19 -32.17 -4.62 -12.30
CA LEU C 19 -32.99 -3.46 -12.02
C LEU C 19 -32.70 -3.07 -10.57
N VAL C 20 -32.73 -1.78 -10.28
CA VAL C 20 -32.45 -1.33 -8.92
C VAL C 20 -33.20 -2.16 -7.87
N GLY C 21 -32.66 -2.14 -6.66
CA GLY C 21 -33.25 -2.85 -5.54
C GLY C 21 -33.55 -4.30 -5.83
N ASP C 22 -32.90 -4.87 -6.84
CA ASP C 22 -33.14 -6.29 -7.18
C ASP C 22 -32.01 -7.28 -6.82
N GLU C 23 -32.07 -8.48 -7.39
CA GLU C 23 -31.04 -9.46 -7.13
C GLU C 23 -30.05 -9.44 -8.29
N ALA C 24 -28.85 -9.89 -8.04
CA ALA C 24 -27.84 -9.94 -9.07
C ALA C 24 -27.09 -11.23 -8.89
N GLU C 25 -26.69 -11.82 -10.01
CA GLU C 25 -25.94 -13.07 -10.00
C GLU C 25 -24.77 -12.94 -10.93
N LEU C 26 -23.57 -13.13 -10.38
CA LEU C 26 -22.34 -13.05 -11.15
C LEU C 26 -21.77 -14.45 -11.20
N PRO C 27 -21.66 -15.01 -12.41
CA PRO C 27 -21.13 -16.36 -12.56
C PRO C 27 -19.63 -16.35 -12.83
N CYS C 28 -18.94 -17.35 -12.26
CA CYS C 28 -17.50 -17.48 -12.44
C CYS C 28 -17.14 -18.94 -12.35
N ARG C 29 -16.25 -19.39 -13.22
CA ARG C 29 -15.86 -20.79 -13.22
C ARG C 29 -14.48 -20.94 -13.76
N ILE C 30 -13.90 -22.10 -13.51
CA ILE C 30 -12.56 -22.42 -13.97
C ILE C 30 -12.63 -23.44 -15.14
N SER C 31 -11.70 -23.33 -16.09
CA SER C 31 -11.68 -24.25 -17.24
C SER C 31 -10.28 -24.69 -17.58
N PRO C 32 -10.04 -25.99 -17.59
CA PRO C 32 -10.96 -27.10 -17.31
C PRO C 32 -11.61 -26.99 -15.96
N GLY C 33 -12.88 -27.41 -15.90
CA GLY C 33 -13.60 -27.37 -14.64
C GLY C 33 -13.09 -28.50 -13.77
N LYS C 34 -13.10 -28.28 -12.46
CA LYS C 34 -12.67 -29.29 -11.51
C LYS C 34 -13.20 -28.96 -10.12
N ASN C 35 -13.16 -29.93 -9.22
CA ASN C 35 -13.70 -29.73 -7.90
C ASN C 35 -13.09 -28.62 -7.07
N ALA C 36 -13.70 -27.45 -7.18
CA ALA C 36 -13.28 -26.26 -6.46
C ALA C 36 -13.90 -26.18 -5.08
N THR C 37 -14.05 -27.30 -4.40
CA THR C 37 -14.63 -27.29 -3.09
C THR C 37 -13.64 -26.86 -2.02
N GLY C 38 -12.42 -27.39 -2.12
CA GLY C 38 -11.39 -27.03 -1.15
C GLY C 38 -10.73 -25.70 -1.47
N MET C 39 -10.74 -25.31 -2.74
CA MET C 39 -10.14 -24.07 -3.18
C MET C 39 -10.66 -22.85 -2.43
N GLU C 40 -10.02 -21.72 -2.66
CA GLU C 40 -10.40 -20.45 -2.05
C GLU C 40 -11.02 -19.70 -3.21
N VAL C 41 -12.23 -19.17 -3.01
CA VAL C 41 -12.90 -18.44 -4.07
C VAL C 41 -13.32 -17.09 -3.49
N GLY C 42 -13.33 -16.04 -4.28
CA GLY C 42 -13.73 -14.77 -3.71
C GLY C 42 -13.96 -13.68 -4.71
N TRP C 43 -14.55 -12.59 -4.26
CA TRP C 43 -14.82 -11.45 -5.11
C TRP C 43 -14.32 -10.18 -4.52
N TYR C 44 -13.82 -9.29 -5.38
CA TYR C 44 -13.34 -7.98 -4.94
C TYR C 44 -14.15 -6.91 -5.65
N ARG C 45 -14.42 -5.80 -4.98
CA ARG C 45 -15.16 -4.71 -5.58
C ARG C 45 -14.11 -3.83 -6.26
N SER C 46 -13.88 -3.92 -7.57
CA SER C 46 -12.91 -3.21 -8.35
C SER C 46 -12.09 -2.00 -7.90
N PRO C 47 -12.74 -0.88 -7.55
CA PRO C 47 -11.92 0.28 -7.15
C PRO C 47 -10.76 0.01 -6.17
N PHE C 48 -11.09 -0.14 -4.88
CA PHE C 48 -10.08 -0.36 -3.83
C PHE C 48 -9.96 -1.83 -3.38
N SER C 49 -10.25 -2.75 -4.28
CA SER C 49 -10.19 -4.18 -3.92
C SER C 49 -10.86 -4.57 -2.61
N ARG C 50 -12.07 -4.05 -2.36
CA ARG C 50 -12.76 -4.44 -1.14
C ARG C 50 -13.28 -5.85 -1.33
N VAL C 51 -13.33 -6.60 -0.23
CA VAL C 51 -13.78 -7.99 -0.28
C VAL C 51 -15.27 -8.08 -0.24
N VAL C 52 -15.83 -8.57 -1.33
CA VAL C 52 -17.27 -8.69 -1.43
C VAL C 52 -17.72 -9.99 -0.80
N HIS C 53 -16.96 -11.06 -1.02
CA HIS C 53 -17.31 -12.37 -0.48
C HIS C 53 -16.13 -13.31 -0.52
N LEU C 54 -15.95 -14.06 0.56
CA LEU C 54 -14.85 -15.01 0.62
C LEU C 54 -15.22 -16.40 1.12
N TYR C 55 -14.97 -17.41 0.29
CA TYR C 55 -15.24 -18.81 0.64
C TYR C 55 -13.89 -19.53 0.77
N ARG C 56 -13.65 -20.14 1.91
CA ARG C 56 -12.38 -20.82 2.12
C ARG C 56 -12.48 -21.98 3.13
N ASN C 57 -11.79 -23.08 2.83
CA ASN C 57 -11.81 -24.26 3.68
C ASN C 57 -13.21 -24.84 3.84
N GLY C 58 -14.05 -24.58 2.86
CA GLY C 58 -15.39 -25.10 2.89
C GLY C 58 -16.47 -24.16 3.42
N LYS C 59 -16.07 -23.12 4.12
CA LYS C 59 -17.06 -22.20 4.67
C LYS C 59 -16.87 -20.77 4.21
N ASP C 60 -17.95 -20.00 4.30
CA ASP C 60 -17.90 -18.61 3.92
C ASP C 60 -17.21 -17.85 5.03
N GLN C 61 -16.18 -17.11 4.69
CA GLN C 61 -15.47 -16.36 5.68
C GLN C 61 -16.19 -15.03 5.79
N ASP C 62 -17.12 -14.96 6.74
CA ASP C 62 -17.91 -13.76 6.94
C ASP C 62 -17.16 -12.64 7.67
N ALA C 63 -16.28 -13.02 8.56
CA ALA C 63 -15.52 -12.04 9.31
C ALA C 63 -14.45 -11.43 8.43
N GLU C 64 -14.44 -11.81 7.16
CA GLU C 64 -13.43 -11.32 6.25
C GLU C 64 -13.94 -10.56 5.02
N GLN C 65 -15.11 -9.97 5.14
CA GLN C 65 -15.65 -9.25 4.03
C GLN C 65 -15.86 -7.82 4.48
N ALA C 66 -15.89 -6.93 3.50
CA ALA C 66 -16.08 -5.53 3.81
C ALA C 66 -17.45 -5.42 4.49
N PRO C 67 -17.50 -4.66 5.59
CA PRO C 67 -18.72 -4.42 6.37
C PRO C 67 -19.90 -4.04 5.48
N GLU C 68 -19.62 -3.30 4.40
CA GLU C 68 -20.68 -2.85 3.51
C GLU C 68 -21.43 -4.00 2.85
N TYR C 69 -20.83 -5.20 2.87
CA TYR C 69 -21.47 -6.32 2.20
C TYR C 69 -22.10 -7.40 3.07
N ARG C 70 -21.92 -7.30 4.38
CA ARG C 70 -22.49 -8.28 5.33
C ARG C 70 -24.01 -8.53 5.16
N GLY C 71 -24.37 -9.80 5.03
CA GLY C 71 -25.76 -10.19 4.86
C GLY C 71 -26.34 -9.70 3.55
N ARG C 72 -25.47 -9.49 2.55
CA ARG C 72 -25.92 -9.02 1.25
C ARG C 72 -25.49 -9.93 0.11
N THR C 73 -24.62 -10.88 0.42
CA THR C 73 -24.13 -11.77 -0.63
C THR C 73 -24.47 -13.21 -0.39
N GLU C 74 -23.87 -14.03 -1.24
CA GLU C 74 -24.03 -15.48 -1.18
C GLU C 74 -23.21 -16.04 -2.30
N LEU C 75 -22.74 -17.24 -2.12
CA LEU C 75 -21.98 -17.86 -3.15
C LEU C 75 -22.69 -19.15 -3.54
N LEU C 76 -23.36 -19.14 -4.69
CA LEU C 76 -24.05 -20.33 -5.19
C LEU C 76 -23.04 -21.48 -5.37
N LYS C 77 -23.15 -22.55 -4.59
CA LYS C 77 -22.20 -23.67 -4.67
C LYS C 77 -22.75 -24.99 -5.25
N GLU C 78 -23.80 -24.90 -6.08
CA GLU C 78 -24.43 -26.09 -6.66
C GLU C 78 -23.47 -26.95 -7.43
N SER C 79 -22.80 -26.34 -8.39
CA SER C 79 -21.84 -27.05 -9.22
C SER C 79 -20.41 -26.56 -8.95
N ILE C 80 -20.06 -26.48 -7.67
CA ILE C 80 -18.74 -26.02 -7.34
C ILE C 80 -17.77 -27.13 -7.73
N GLY C 81 -18.22 -28.37 -7.63
CA GLY C 81 -17.38 -29.49 -8.00
C GLY C 81 -17.14 -29.51 -9.51
N GLU C 82 -17.72 -28.52 -10.18
CA GLU C 82 -17.57 -28.40 -11.62
C GLU C 82 -16.69 -27.18 -11.84
N GLY C 83 -16.37 -26.49 -10.75
CA GLY C 83 -15.56 -25.30 -10.85
C GLY C 83 -16.47 -24.13 -11.13
N LYS C 84 -17.76 -24.32 -10.83
CA LYS C 84 -18.78 -23.29 -11.06
C LYS C 84 -19.40 -22.76 -9.79
N VAL C 85 -19.54 -21.44 -9.75
CA VAL C 85 -20.13 -20.73 -8.62
C VAL C 85 -20.69 -19.41 -9.13
N ALA C 86 -21.47 -18.74 -8.29
CA ALA C 86 -22.05 -17.43 -8.63
C ALA C 86 -22.23 -16.54 -7.39
N LEU C 87 -21.91 -15.27 -7.56
CA LEU C 87 -22.05 -14.30 -6.50
C LEU C 87 -23.43 -13.70 -6.59
N ARG C 88 -24.25 -13.91 -5.57
CA ARG C 88 -25.59 -13.35 -5.58
C ARG C 88 -25.65 -12.20 -4.60
N ILE C 89 -26.29 -11.11 -4.99
CA ILE C 89 -26.39 -9.91 -4.14
C ILE C 89 -27.83 -9.37 -4.00
N GLN C 90 -28.23 -9.04 -2.76
CA GLN C 90 -29.57 -8.55 -2.42
C GLN C 90 -29.72 -7.02 -2.35
N ASN C 91 -30.97 -6.55 -2.44
CA ASN C 91 -31.32 -5.13 -2.39
C ASN C 91 -30.32 -4.25 -3.15
N VAL C 92 -30.09 -4.60 -4.40
CA VAL C 92 -29.17 -3.85 -5.21
C VAL C 92 -29.35 -2.35 -5.14
N ARG C 93 -28.24 -1.66 -5.36
CA ARG C 93 -28.19 -0.21 -5.39
C ARG C 93 -27.10 0.20 -6.39
N PHE C 94 -27.21 1.43 -6.83
CA PHE C 94 -26.28 1.96 -7.78
C PHE C 94 -24.86 1.77 -7.28
N SER C 95 -24.67 1.97 -5.98
CA SER C 95 -23.33 1.82 -5.43
C SER C 95 -22.79 0.43 -5.74
N ASP C 96 -23.59 -0.38 -6.42
CA ASP C 96 -23.15 -1.70 -6.78
C ASP C 96 -22.80 -1.72 -8.25
N GLU C 97 -22.99 -0.57 -8.92
CA GLU C 97 -22.68 -0.44 -10.35
C GLU C 97 -21.16 -0.38 -10.52
N GLY C 98 -20.65 -1.16 -11.46
CA GLY C 98 -19.22 -1.16 -11.71
C GLY C 98 -18.58 -2.53 -11.81
N GLY C 99 -17.25 -2.54 -11.83
CA GLY C 99 -16.54 -3.79 -11.94
C GLY C 99 -16.35 -4.54 -10.64
N TYR C 100 -16.25 -5.85 -10.78
CA TYR C 100 -16.04 -6.75 -9.66
C TYR C 100 -14.92 -7.63 -10.15
N THR C 101 -14.30 -8.40 -9.25
CA THR C 101 -13.24 -9.31 -9.61
C THR C 101 -13.40 -10.62 -8.89
N CYS C 102 -13.54 -11.70 -9.64
CA CYS C 102 -13.69 -12.99 -9.01
C CYS C 102 -12.40 -13.78 -9.15
N PHE C 103 -12.15 -14.72 -8.24
CA PHE C 103 -10.91 -15.49 -8.31
C PHE C 103 -10.99 -16.83 -7.61
N PHE C 104 -10.16 -17.74 -8.06
CA PHE C 104 -10.07 -19.07 -7.46
C PHE C 104 -8.63 -19.29 -7.13
N ARG C 105 -8.36 -19.84 -5.95
CA ARG C 105 -6.98 -20.08 -5.58
C ARG C 105 -6.74 -21.58 -5.40
N ASP C 106 -6.02 -22.17 -6.35
CA ASP C 106 -5.73 -23.56 -6.21
C ASP C 106 -4.30 -23.72 -5.67
N HIS C 107 -4.24 -23.77 -4.35
CA HIS C 107 -3.01 -23.88 -3.59
C HIS C 107 -2.00 -22.78 -3.73
N SER C 108 -1.16 -22.84 -4.75
CA SER C 108 -0.19 -21.76 -4.92
C SER C 108 -0.49 -21.09 -6.23
N TYR C 109 -1.53 -21.63 -6.86
CA TYR C 109 -2.01 -21.17 -8.13
C TYR C 109 -3.23 -20.32 -7.88
N GLN C 110 -3.39 -19.29 -8.70
CA GLN C 110 -4.54 -18.44 -8.54
C GLN C 110 -4.74 -17.56 -9.75
N GLU C 111 -5.88 -17.75 -10.40
CA GLU C 111 -6.24 -16.96 -11.56
C GLU C 111 -7.49 -16.18 -11.22
N GLU C 112 -7.76 -15.16 -12.02
CA GLU C 112 -8.90 -14.32 -11.79
C GLU C 112 -9.56 -13.93 -13.09
N ALA C 113 -10.76 -13.38 -12.95
CA ALA C 113 -11.57 -12.93 -14.07
C ALA C 113 -12.23 -11.64 -13.68
N ALA C 114 -12.40 -10.74 -14.63
CA ALA C 114 -13.05 -9.46 -14.34
C ALA C 114 -14.51 -9.61 -14.67
N VAL C 115 -15.37 -9.04 -13.83
CA VAL C 115 -16.80 -9.10 -14.06
C VAL C 115 -17.30 -7.70 -13.84
N GLU C 116 -18.35 -7.31 -14.54
CA GLU C 116 -18.86 -5.97 -14.34
C GLU C 116 -20.38 -6.01 -14.13
N LEU C 117 -20.90 -5.07 -13.35
CA LEU C 117 -22.33 -5.03 -13.07
C LEU C 117 -22.96 -3.72 -13.52
N LYS C 118 -24.08 -3.81 -14.23
CA LYS C 118 -24.77 -2.60 -14.67
C LYS C 118 -26.01 -2.50 -13.83
N VAL C 119 -26.14 -1.42 -13.08
CA VAL C 119 -27.33 -1.27 -12.28
C VAL C 119 -28.14 -0.23 -12.99
N GLU C 120 -29.21 -0.66 -13.61
CA GLU C 120 -30.04 0.27 -14.33
C GLU C 120 -31.26 0.68 -13.54
N ASP C 121 -31.73 1.88 -13.84
CA ASP C 121 -32.87 2.47 -13.18
C ASP C 121 -34.20 2.19 -13.89
N PRO C 122 -35.12 1.49 -13.19
CA PRO C 122 -36.45 1.11 -13.68
C PRO C 122 -37.12 2.32 -14.32
N PHE C 123 -37.40 3.29 -13.45
CA PHE C 123 -38.02 4.54 -13.84
C PHE C 123 -37.00 5.40 -14.61
N ASP D 22 2.32 23.48 8.85
CA ASP D 22 1.01 23.95 8.40
C ASP D 22 0.98 25.47 8.37
N ILE D 23 0.78 26.05 7.20
CA ILE D 23 0.68 27.49 7.12
C ILE D 23 -0.76 27.84 7.45
N GLU D 24 -0.98 29.01 8.00
CA GLU D 24 -2.31 29.48 8.39
C GLU D 24 -2.52 30.86 7.82
N LEU D 25 -3.63 31.06 7.13
CA LEU D 25 -3.89 32.36 6.59
C LEU D 25 -5.02 32.97 7.41
N THR D 26 -4.87 34.22 7.78
CA THR D 26 -5.89 34.85 8.56
C THR D 26 -6.73 35.84 7.79
N GLN D 27 -7.92 35.39 7.45
CA GLN D 27 -8.88 36.19 6.73
C GLN D 27 -9.45 37.29 7.65
N SER D 28 -9.68 38.46 7.07
CA SER D 28 -10.27 39.56 7.79
C SER D 28 -10.56 40.70 6.84
N PRO D 29 -11.71 41.37 7.02
CA PRO D 29 -12.71 41.07 8.06
C PRO D 29 -13.32 39.67 7.89
N SER D 30 -13.96 39.15 8.92
CA SER D 30 -14.55 37.83 8.79
C SER D 30 -15.79 37.93 7.88
N SER D 31 -16.23 39.16 7.64
CA SER D 31 -17.38 39.42 6.78
C SER D 31 -17.65 40.91 6.77
N LEU D 32 -18.06 41.43 5.63
CA LEU D 32 -18.36 42.86 5.55
C LEU D 32 -19.51 43.08 4.59
N ALA D 33 -20.17 44.22 4.75
CA ALA D 33 -21.31 44.57 3.90
C ALA D 33 -21.03 45.88 3.21
N VAL D 34 -21.30 45.91 1.92
CA VAL D 34 -21.06 47.12 1.14
C VAL D 34 -22.25 47.26 0.20
N SER D 35 -22.34 48.41 -0.46
CA SER D 35 -23.42 48.65 -1.39
C SER D 35 -22.86 48.50 -2.79
N ALA D 36 -23.74 48.36 -3.77
CA ALA D 36 -23.26 48.22 -5.13
C ALA D 36 -22.41 49.42 -5.53
N GLY D 37 -21.22 49.16 -6.07
CA GLY D 37 -20.36 50.25 -6.52
C GLY D 37 -19.24 50.67 -5.60
N GLU D 38 -19.32 50.31 -4.32
CA GLU D 38 -18.29 50.67 -3.34
C GLU D 38 -17.07 49.76 -3.49
N LYS D 39 -15.90 50.29 -3.11
CA LYS D 39 -14.66 49.53 -3.16
C LYS D 39 -14.58 48.65 -1.91
N VAL D 40 -14.04 47.46 -2.06
CA VAL D 40 -13.92 46.53 -0.96
C VAL D 40 -12.52 45.95 -0.96
N THR D 41 -11.99 45.73 0.25
CA THR D 41 -10.64 45.20 0.41
C THR D 41 -10.61 44.05 1.41
N MET D 42 -10.07 42.91 1.02
CA MET D 42 -10.01 41.75 1.91
C MET D 42 -8.60 41.38 2.32
N SER D 43 -8.45 41.01 3.60
CA SER D 43 -7.14 40.62 4.16
C SER D 43 -6.96 39.12 4.33
N CYS D 44 -5.71 38.69 4.17
CA CYS D 44 -5.29 37.30 4.32
C CYS D 44 -3.79 37.38 4.68
N LYS D 45 -3.44 36.97 5.89
CA LYS D 45 -2.05 37.05 6.30
C LYS D 45 -1.49 35.71 6.71
N SER D 46 -0.53 35.24 5.90
CA SER D 46 0.13 33.95 6.06
C SER D 46 1.16 33.88 7.15
N SER D 47 1.23 32.73 7.80
CA SER D 47 2.17 32.52 8.89
C SER D 47 3.59 32.30 8.36
N GLN D 48 3.68 32.00 7.07
CA GLN D 48 4.97 31.77 6.44
C GLN D 48 5.08 32.50 5.12
N SER D 49 6.27 32.45 4.54
CA SER D 49 6.51 33.08 3.27
C SER D 49 5.94 32.12 2.26
N LEU D 50 5.37 32.67 1.20
CA LEU D 50 4.78 31.87 0.14
C LEU D 50 5.46 32.21 -1.19
N LEU D 51 6.77 32.40 -1.12
CA LEU D 51 7.55 32.71 -2.31
C LEU D 51 8.34 31.53 -2.85
N ASN D 52 8.15 31.25 -4.13
CA ASN D 52 8.91 30.19 -4.78
C ASN D 52 10.07 31.02 -5.27
N SER D 53 11.29 30.57 -5.00
CA SER D 53 12.48 31.31 -5.39
C SER D 53 12.81 31.22 -6.89
N GLY D 54 12.51 30.09 -7.50
CA GLY D 54 12.78 29.90 -8.91
C GLY D 54 11.91 30.79 -9.78
N ASN D 55 10.70 31.08 -9.31
CA ASN D 55 9.78 31.91 -10.07
C ASN D 55 9.91 33.31 -9.57
N GLN D 56 10.27 33.41 -8.30
CA GLN D 56 10.38 34.70 -7.65
C GLN D 56 8.91 35.15 -7.68
N LYS D 57 8.03 34.23 -7.26
CA LYS D 57 6.58 34.46 -7.23
C LYS D 57 5.93 33.99 -5.94
N ASN D 58 4.97 34.77 -5.43
CA ASN D 58 4.27 34.38 -4.20
C ASN D 58 3.06 33.50 -4.51
N TYR D 59 3.14 32.21 -4.19
CA TYR D 59 2.03 31.28 -4.47
C TYR D 59 0.83 31.34 -3.54
N LEU D 60 -0.03 32.33 -3.79
CA LEU D 60 -1.24 32.50 -3.01
C LEU D 60 -2.38 32.55 -4.00
N ALA D 61 -3.53 32.02 -3.60
CA ALA D 61 -4.69 32.04 -4.48
C ALA D 61 -5.95 32.53 -3.75
N TRP D 62 -6.82 33.19 -4.50
CA TRP D 62 -8.06 33.69 -3.98
C TRP D 62 -9.23 33.00 -4.73
N TYR D 63 -10.13 32.36 -3.98
CA TYR D 63 -11.30 31.70 -4.57
C TYR D 63 -12.59 32.40 -4.12
N GLN D 64 -13.57 32.43 -5.02
CA GLN D 64 -14.88 33.02 -4.76
C GLN D 64 -15.83 31.84 -4.67
N GLN D 65 -16.61 31.76 -3.61
CA GLN D 65 -17.55 30.67 -3.51
C GLN D 65 -18.97 31.14 -3.30
N LYS D 66 -19.77 31.01 -4.35
CA LYS D 66 -21.17 31.39 -4.28
C LYS D 66 -21.90 30.20 -3.69
N PRO D 67 -23.08 30.43 -3.09
CA PRO D 67 -23.87 29.37 -2.47
C PRO D 67 -24.27 28.22 -3.40
N GLY D 68 -24.02 26.99 -2.98
CA GLY D 68 -24.40 25.87 -3.80
C GLY D 68 -23.38 25.27 -4.77
N LEU D 69 -22.57 26.09 -5.42
CA LEU D 69 -21.60 25.52 -6.34
C LEU D 69 -20.20 25.46 -5.71
N PRO D 70 -19.21 24.90 -6.44
CA PRO D 70 -17.84 24.79 -5.94
C PRO D 70 -17.16 26.14 -5.88
N PRO D 71 -15.89 26.17 -5.44
CA PRO D 71 -15.14 27.42 -5.35
C PRO D 71 -14.66 27.84 -6.73
N LYS D 72 -14.62 29.14 -6.96
CA LYS D 72 -14.17 29.66 -8.24
C LYS D 72 -12.81 30.24 -7.98
N LEU D 73 -11.91 30.10 -8.95
CA LEU D 73 -10.56 30.63 -8.80
C LEU D 73 -10.49 32.00 -9.44
N LEU D 74 -10.17 33.01 -8.64
CA LEU D 74 -10.09 34.37 -9.17
C LEU D 74 -8.66 34.77 -9.51
N ILE D 75 -7.75 34.61 -8.55
CA ILE D 75 -6.37 34.99 -8.78
C ILE D 75 -5.37 34.02 -8.19
N TYR D 76 -4.29 33.75 -8.92
CA TYR D 76 -3.23 32.87 -8.44
C TYR D 76 -1.90 33.61 -8.48
N GLY D 77 -0.92 33.07 -7.77
CA GLY D 77 0.37 33.70 -7.77
C GLY D 77 0.30 35.05 -7.11
N ALA D 78 -0.61 35.16 -6.15
CA ALA D 78 -0.81 36.38 -5.38
C ALA D 78 -1.40 37.55 -6.17
N SER D 79 -1.13 37.60 -7.48
CA SER D 79 -1.67 38.70 -8.27
C SER D 79 -1.71 38.43 -9.75
N THR D 80 -2.55 37.47 -10.14
CA THR D 80 -2.73 37.14 -11.55
C THR D 80 -4.18 36.70 -11.69
N ARG D 81 -4.89 37.28 -12.66
CA ARG D 81 -6.29 36.96 -12.86
C ARG D 81 -6.53 35.77 -13.77
N GLU D 82 -7.41 34.89 -13.34
CA GLU D 82 -7.78 33.73 -14.13
C GLU D 82 -8.52 34.23 -15.36
N SER D 83 -8.58 33.41 -16.38
CA SER D 83 -9.27 33.79 -17.60
C SER D 83 -10.67 34.22 -17.19
N GLY D 84 -11.23 35.18 -17.92
CA GLY D 84 -12.59 35.61 -17.64
C GLY D 84 -12.88 36.51 -16.47
N VAL D 85 -12.24 36.29 -15.33
CA VAL D 85 -12.48 37.13 -14.14
C VAL D 85 -12.38 38.65 -14.41
N PRO D 86 -13.43 39.41 -14.05
CA PRO D 86 -13.52 40.85 -14.23
C PRO D 86 -12.36 41.60 -13.57
N ASP D 87 -11.87 42.61 -14.30
CA ASP D 87 -10.75 43.42 -13.85
C ASP D 87 -11.03 44.20 -12.58
N ARG D 88 -12.27 44.25 -12.15
CA ARG D 88 -12.56 44.99 -10.92
C ARG D 88 -11.94 44.21 -9.75
N PHE D 89 -11.57 42.96 -10.02
CA PHE D 89 -10.93 42.11 -9.04
C PHE D 89 -9.40 42.23 -9.13
N THR D 90 -8.76 42.50 -8.01
CA THR D 90 -7.31 42.63 -8.02
C THR D 90 -6.74 42.14 -6.72
N GLY D 91 -5.69 41.35 -6.82
CA GLY D 91 -5.05 40.82 -5.64
C GLY D 91 -3.59 41.26 -5.58
N SER D 92 -3.25 41.99 -4.53
CA SER D 92 -1.88 42.44 -4.41
C SER D 92 -1.32 41.86 -3.13
N GLY D 93 -0.05 42.16 -2.88
CA GLY D 93 0.60 41.66 -1.69
C GLY D 93 1.86 40.90 -2.07
N SER D 94 2.58 40.43 -1.05
CA SER D 94 3.82 39.69 -1.21
C SER D 94 4.33 39.44 0.21
N GLY D 95 5.44 38.74 0.34
CA GLY D 95 5.95 38.47 1.67
C GLY D 95 4.93 37.61 2.39
N THR D 96 4.24 38.18 3.37
CA THR D 96 3.23 37.42 4.10
C THR D 96 1.88 38.12 4.10
N ASP D 97 1.90 39.39 3.74
CA ASP D 97 0.69 40.17 3.67
C ASP D 97 0.19 40.29 2.23
N PHE D 98 -1.06 39.90 2.03
CA PHE D 98 -1.64 39.98 0.72
C PHE D 98 -3.02 40.59 0.93
N THR D 99 -3.68 41.03 -0.16
CA THR D 99 -5.01 41.64 -0.06
C THR D 99 -5.83 41.62 -1.36
N LEU D 100 -7.10 41.23 -1.26
CA LEU D 100 -7.97 41.18 -2.42
C LEU D 100 -8.86 42.44 -2.47
N THR D 101 -8.87 43.12 -3.62
CA THR D 101 -9.62 44.34 -3.73
C THR D 101 -10.58 44.35 -4.88
N ILE D 102 -11.81 44.70 -4.57
CA ILE D 102 -12.85 44.80 -5.58
C ILE D 102 -13.13 46.30 -5.78
N SER D 103 -12.63 46.81 -6.91
CA SER D 103 -12.78 48.23 -7.27
C SER D 103 -14.17 48.74 -7.05
N SER D 104 -15.13 48.17 -7.78
CA SER D 104 -16.52 48.58 -7.66
C SER D 104 -17.42 47.38 -7.52
N VAL D 105 -17.78 47.07 -6.28
CA VAL D 105 -18.64 45.92 -5.98
C VAL D 105 -19.87 45.76 -6.87
N GLN D 106 -20.33 44.51 -7.01
CA GLN D 106 -21.50 44.18 -7.82
C GLN D 106 -22.45 43.33 -7.00
N ALA D 107 -23.69 43.22 -7.43
CA ALA D 107 -24.65 42.43 -6.69
C ALA D 107 -24.25 40.97 -6.75
N GLU D 108 -23.83 40.55 -7.93
CA GLU D 108 -23.41 39.18 -8.20
C GLU D 108 -22.16 38.79 -7.42
N ASP D 109 -21.46 39.79 -6.92
CA ASP D 109 -20.25 39.53 -6.17
C ASP D 109 -20.52 38.92 -4.81
N LEU D 110 -21.79 38.78 -4.45
CA LEU D 110 -22.12 38.20 -3.16
C LEU D 110 -21.65 36.77 -3.15
N ALA D 111 -20.85 36.44 -2.14
CA ALA D 111 -20.31 35.09 -2.00
C ALA D 111 -19.30 35.06 -0.88
N VAL D 112 -18.61 33.94 -0.72
CA VAL D 112 -17.57 33.79 0.33
C VAL D 112 -16.19 33.80 -0.34
N TYR D 113 -15.22 34.53 0.21
CA TYR D 113 -13.89 34.57 -0.40
C TYR D 113 -12.78 33.93 0.43
N TYR D 114 -12.21 32.87 -0.11
CA TYR D 114 -11.16 32.13 0.57
C TYR D 114 -9.80 32.38 -0.07
N CYS D 115 -8.75 32.41 0.74
CA CYS D 115 -7.39 32.58 0.23
C CYS D 115 -6.64 31.30 0.54
N GLN D 116 -5.67 30.96 -0.29
CA GLN D 116 -5.01 29.69 -0.08
C GLN D 116 -3.52 29.54 -0.35
N ASN D 117 -2.83 28.99 0.63
CA ASN D 117 -1.43 28.70 0.52
C ASN D 117 -1.40 27.70 -0.63
N ASP D 118 -0.92 28.16 -1.76
CA ASP D 118 -0.86 27.32 -2.95
C ASP D 118 0.60 27.00 -3.30
N HIS D 119 1.45 26.90 -2.28
CA HIS D 119 2.86 26.63 -2.52
C HIS D 119 3.52 25.58 -1.65
N SER D 120 3.08 25.41 -0.42
CA SER D 120 3.69 24.42 0.48
C SER D 120 2.71 23.40 0.98
N TYR D 121 3.11 22.13 0.99
CA TYR D 121 2.27 21.06 1.50
C TYR D 121 2.31 21.01 3.03
N PRO D 122 1.17 20.75 3.67
CA PRO D 122 -0.15 20.50 3.09
C PRO D 122 -0.82 21.81 2.75
N LEU D 123 -1.44 21.86 1.58
CA LEU D 123 -2.13 23.04 1.11
C LEU D 123 -3.14 23.47 2.15
N THR D 124 -3.38 24.75 2.28
CA THR D 124 -4.33 25.19 3.27
C THR D 124 -5.05 26.43 2.80
N PHE D 125 -6.34 26.51 3.15
CA PHE D 125 -7.17 27.64 2.79
C PHE D 125 -7.47 28.50 4.02
N GLY D 126 -7.84 29.74 3.79
CA GLY D 126 -8.18 30.64 4.89
C GLY D 126 -9.59 30.35 5.39
N ALA D 127 -10.01 31.06 6.44
CA ALA D 127 -11.36 30.86 7.00
C ALA D 127 -12.42 31.55 6.14
N GLY D 128 -11.96 32.33 5.17
CA GLY D 128 -12.86 33.04 4.29
C GLY D 128 -13.35 34.37 4.85
N THR D 129 -13.81 35.22 3.93
CA THR D 129 -14.37 36.51 4.27
C THR D 129 -15.70 36.57 3.51
N LYS D 130 -16.81 36.56 4.24
CA LYS D 130 -18.13 36.61 3.61
C LYS D 130 -18.49 38.03 3.21
N LEU D 131 -18.95 38.19 1.98
CA LEU D 131 -19.34 39.51 1.51
C LEU D 131 -20.84 39.59 1.25
N GLU D 132 -21.58 40.17 2.21
CA GLU D 132 -23.04 40.33 2.11
C GLU D 132 -23.31 41.69 1.48
N ILE D 133 -24.31 41.79 0.64
CA ILE D 133 -24.62 43.09 0.03
C ILE D 133 -25.73 43.78 0.78
N LYS D 134 -25.63 45.09 0.93
CA LYS D 134 -26.68 45.83 1.59
C LYS D 134 -27.36 46.62 0.48
N ARG D 135 -28.64 46.91 0.66
CA ARG D 135 -29.38 47.66 -0.33
C ARG D 135 -30.46 48.47 0.33
N THR D 136 -31.46 48.84 -0.44
CA THR D 136 -32.57 49.63 0.05
C THR D 136 -33.69 48.70 0.49
N VAL D 137 -34.64 49.22 1.28
CA VAL D 137 -35.74 48.37 1.76
C VAL D 137 -36.80 48.11 0.71
N ALA D 138 -37.31 46.88 0.73
CA ALA D 138 -38.35 46.44 -0.20
C ALA D 138 -39.38 45.55 0.53
N ALA D 139 -40.57 45.41 -0.06
CA ALA D 139 -41.62 44.63 0.59
C ALA D 139 -41.88 43.25 0.05
N PRO D 140 -42.42 42.38 0.90
CA PRO D 140 -42.76 40.99 0.62
C PRO D 140 -43.97 40.84 -0.30
N SER D 141 -43.83 39.99 -1.32
CA SER D 141 -44.94 39.70 -2.21
C SER D 141 -45.57 38.55 -1.43
N VAL D 142 -46.50 38.86 -0.53
CA VAL D 142 -47.11 37.81 0.26
C VAL D 142 -48.02 36.85 -0.52
N PHE D 143 -47.81 35.55 -0.32
CA PHE D 143 -48.60 34.53 -1.01
C PHE D 143 -48.92 33.41 -0.04
N ILE D 144 -50.18 32.98 0.02
CA ILE D 144 -50.59 31.94 0.95
C ILE D 144 -51.06 30.73 0.18
N PHE D 145 -50.69 29.56 0.71
CA PHE D 145 -51.01 28.28 0.10
C PHE D 145 -51.81 27.32 1.00
N PRO D 146 -52.93 26.78 0.48
CA PRO D 146 -53.79 25.82 1.21
C PRO D 146 -53.30 24.39 0.99
N PRO D 147 -53.41 23.56 2.04
CA PRO D 147 -52.99 22.16 2.02
C PRO D 147 -53.47 21.43 0.81
N SER D 148 -52.61 20.57 0.28
CA SER D 148 -52.93 19.80 -0.90
C SER D 148 -53.72 18.52 -0.59
N ASP D 149 -54.96 18.45 -1.10
CA ASP D 149 -55.84 17.28 -0.94
C ASP D 149 -55.02 16.06 -0.50
N GLU D 150 -54.29 15.51 -1.47
CA GLU D 150 -53.45 14.34 -1.30
C GLU D 150 -52.79 14.27 0.07
N GLN D 151 -52.39 15.42 0.60
CA GLN D 151 -51.74 15.42 1.91
C GLN D 151 -52.75 15.13 3.05
N LEU D 152 -53.94 15.72 2.92
CA LEU D 152 -55.03 15.54 3.88
C LEU D 152 -55.36 14.07 4.05
N LYS D 153 -55.58 13.40 2.93
CA LYS D 153 -55.90 11.98 2.93
C LYS D 153 -54.85 11.24 3.76
N SER D 154 -53.77 11.95 4.07
CA SER D 154 -52.67 11.36 4.83
C SER D 154 -52.56 11.83 6.28
N GLY D 155 -53.62 12.45 6.81
CA GLY D 155 -53.66 12.86 8.21
C GLY D 155 -53.16 14.20 8.69
N THR D 156 -52.16 14.74 8.01
CA THR D 156 -51.58 16.04 8.38
C THR D 156 -51.88 17.15 7.38
N ALA D 157 -51.85 18.38 7.88
CA ALA D 157 -52.12 19.55 7.08
C ALA D 157 -50.97 20.54 7.11
N SER D 158 -50.52 20.97 5.93
CA SER D 158 -49.42 21.95 5.85
C SER D 158 -49.88 23.20 5.10
N VAL D 159 -49.79 24.33 5.79
CA VAL D 159 -50.19 25.59 5.20
C VAL D 159 -48.93 26.40 4.98
N VAL D 160 -48.79 26.95 3.78
CA VAL D 160 -47.62 27.73 3.45
C VAL D 160 -47.94 29.19 3.17
N CYS D 161 -47.18 30.07 3.79
CA CYS D 161 -47.31 31.51 3.62
C CYS D 161 -45.91 31.89 3.15
N LEU D 162 -45.82 32.42 1.94
CA LEU D 162 -44.53 32.80 1.33
C LEU D 162 -44.29 34.29 1.15
N LEU D 163 -43.21 34.80 1.71
CA LEU D 163 -42.85 36.23 1.57
C LEU D 163 -41.84 36.31 0.44
N ASN D 164 -42.28 36.84 -0.70
CA ASN D 164 -41.41 36.89 -1.86
C ASN D 164 -40.52 38.12 -2.05
N ASN D 165 -39.24 37.85 -2.29
CA ASN D 165 -38.25 38.89 -2.54
C ASN D 165 -38.34 40.17 -1.74
N PHE D 166 -37.82 40.16 -0.51
CA PHE D 166 -37.87 41.34 0.34
C PHE D 166 -36.52 41.75 0.92
N TYR D 167 -36.51 42.90 1.59
CA TYR D 167 -35.32 43.44 2.22
C TYR D 167 -35.73 44.55 3.20
N PRO D 168 -35.21 44.53 4.44
CA PRO D 168 -34.27 43.58 5.05
C PRO D 168 -34.78 42.17 5.25
N ARG D 169 -33.97 41.40 5.95
CA ARG D 169 -34.29 40.02 6.26
C ARG D 169 -35.20 39.90 7.48
N GLU D 170 -35.00 40.76 8.46
CA GLU D 170 -35.83 40.66 9.64
C GLU D 170 -37.26 41.04 9.32
N ALA D 171 -38.18 40.15 9.67
CA ALA D 171 -39.60 40.35 9.43
C ALA D 171 -40.45 39.31 10.16
N LYS D 172 -41.48 39.76 10.85
CA LYS D 172 -42.37 38.85 11.56
C LYS D 172 -43.39 38.23 10.61
N VAL D 173 -43.77 36.98 10.88
CA VAL D 173 -44.77 36.27 10.07
C VAL D 173 -45.57 35.45 11.06
N GLN D 174 -46.80 35.91 11.35
CA GLN D 174 -47.63 35.23 12.31
C GLN D 174 -48.92 34.60 11.79
N TRP D 175 -49.19 33.38 12.24
CA TRP D 175 -50.39 32.63 11.83
C TRP D 175 -51.57 32.84 12.81
N LYS D 176 -52.75 33.10 12.25
CA LYS D 176 -53.97 33.30 13.04
C LYS D 176 -55.03 32.39 12.47
N VAL D 177 -55.52 31.44 13.25
CA VAL D 177 -56.57 30.57 12.71
C VAL D 177 -57.89 31.02 13.34
N ASP D 178 -58.83 31.48 12.50
CA ASP D 178 -60.12 31.96 13.01
C ASP D 178 -59.75 33.07 14.01
N ASN D 179 -58.71 33.82 13.64
CA ASN D 179 -58.16 34.95 14.42
C ASN D 179 -57.46 34.53 15.69
N ALA D 180 -57.04 33.27 15.74
CA ALA D 180 -56.37 32.80 16.93
C ALA D 180 -54.87 32.70 16.70
N LEU D 181 -54.10 33.56 17.37
CA LEU D 181 -52.63 33.54 17.24
C LEU D 181 -52.17 32.11 17.45
N GLN D 182 -51.07 31.72 16.81
CA GLN D 182 -50.55 30.37 16.96
C GLN D 182 -49.19 30.47 17.63
N SER D 183 -48.64 29.32 18.03
CA SER D 183 -47.34 29.28 18.68
C SER D 183 -46.72 27.88 18.53
N GLY D 184 -45.40 27.83 18.37
CA GLY D 184 -44.71 26.57 18.18
C GLY D 184 -45.45 25.56 17.32
N ASN D 185 -46.07 26.02 16.23
CA ASN D 185 -46.81 25.10 15.38
C ASN D 185 -46.54 25.32 13.88
N SER D 186 -45.61 26.22 13.60
CA SER D 186 -45.23 26.57 12.24
C SER D 186 -43.76 26.97 12.29
N GLN D 187 -42.99 26.52 11.32
CA GLN D 187 -41.58 26.86 11.27
C GLN D 187 -41.28 27.55 9.95
N GLU D 188 -40.31 28.47 9.97
CA GLU D 188 -39.95 29.20 8.75
C GLU D 188 -38.55 28.91 8.24
N SER D 189 -38.34 29.17 6.95
CA SER D 189 -37.06 28.96 6.29
C SER D 189 -36.71 30.25 5.54
N VAL D 190 -35.43 30.52 5.31
CA VAL D 190 -35.04 31.72 4.58
C VAL D 190 -33.98 31.44 3.52
N THR D 191 -33.85 32.32 2.53
CA THR D 191 -32.85 32.12 1.48
C THR D 191 -31.68 33.06 1.61
N GLU D 192 -30.57 32.72 0.98
CA GLU D 192 -29.41 33.59 0.98
C GLU D 192 -29.81 34.73 0.04
N GLN D 193 -29.14 35.87 0.13
CA GLN D 193 -29.48 36.98 -0.74
C GLN D 193 -29.47 36.60 -2.21
N ASP D 194 -30.32 37.24 -2.99
CA ASP D 194 -30.39 36.98 -4.41
C ASP D 194 -29.13 37.55 -5.01
N SER D 195 -28.55 36.85 -5.97
CA SER D 195 -27.34 37.39 -6.56
C SER D 195 -27.64 38.35 -7.69
N LYS D 196 -28.88 38.84 -7.76
CA LYS D 196 -29.21 39.81 -8.81
C LYS D 196 -29.88 41.06 -8.25
N ASP D 197 -30.70 40.89 -7.22
CA ASP D 197 -31.37 42.05 -6.63
C ASP D 197 -31.11 42.08 -5.14
N SER D 198 -30.29 41.14 -4.70
CA SER D 198 -29.89 41.07 -3.29
C SER D 198 -31.01 40.99 -2.28
N THR D 199 -32.11 40.34 -2.63
CA THR D 199 -33.26 40.22 -1.71
C THR D 199 -33.42 38.85 -1.03
N TYR D 200 -34.44 38.74 -0.19
CA TYR D 200 -34.71 37.49 0.52
C TYR D 200 -36.09 37.01 0.23
N SER D 201 -36.35 35.77 0.61
CA SER D 201 -37.68 35.16 0.50
C SER D 201 -37.84 34.15 1.64
N LEU D 202 -38.90 34.31 2.42
CA LEU D 202 -39.19 33.44 3.57
C LEU D 202 -40.45 32.60 3.43
N SER D 203 -40.36 31.37 3.91
CA SER D 203 -41.47 30.45 3.84
C SER D 203 -41.87 29.96 5.22
N SER D 204 -42.96 30.49 5.76
CA SER D 204 -43.43 30.08 7.08
C SER D 204 -44.48 28.99 6.89
N THR D 205 -44.11 27.76 7.23
CA THR D 205 -45.01 26.62 7.06
C THR D 205 -45.76 26.25 8.33
N LEU D 206 -47.10 26.36 8.26
CA LEU D 206 -47.97 26.04 9.39
C LEU D 206 -48.49 24.62 9.26
N THR D 207 -48.08 23.76 10.19
CA THR D 207 -48.47 22.36 10.17
C THR D 207 -49.56 22.03 11.20
N LEU D 208 -50.55 21.24 10.78
CA LEU D 208 -51.66 20.82 11.63
C LEU D 208 -52.05 19.39 11.31
N SER D 209 -53.10 18.96 12.00
CA SER D 209 -53.67 17.64 11.82
C SER D 209 -54.87 17.86 10.91
N LYS D 210 -55.25 16.82 10.17
CA LYS D 210 -56.42 16.95 9.29
C LYS D 210 -57.53 17.31 10.25
N ALA D 211 -57.50 16.64 11.40
CA ALA D 211 -58.46 16.84 12.46
C ALA D 211 -58.63 18.35 12.67
N ASP D 212 -57.55 19.03 13.05
CA ASP D 212 -57.63 20.45 13.29
C ASP D 212 -57.83 21.29 12.04
N TYR D 213 -57.20 20.88 10.95
CA TYR D 213 -57.34 21.69 9.75
C TYR D 213 -58.82 21.93 9.45
N GLU D 214 -59.61 20.87 9.63
CA GLU D 214 -61.07 20.87 9.37
C GLU D 214 -61.92 21.21 10.59
N LYS D 215 -61.35 21.95 11.53
CA LYS D 215 -62.10 22.31 12.71
C LYS D 215 -62.14 23.82 12.81
N HIS D 216 -61.60 24.51 11.82
CA HIS D 216 -61.58 25.98 11.83
C HIS D 216 -62.01 26.46 10.44
N LYS D 217 -62.38 27.75 10.33
CA LYS D 217 -62.85 28.29 9.04
C LYS D 217 -61.90 29.21 8.28
N VAL D 218 -61.27 30.13 9.00
CA VAL D 218 -60.36 31.11 8.41
C VAL D 218 -58.89 30.96 8.77
N TYR D 219 -58.06 30.73 7.75
CA TYR D 219 -56.62 30.59 7.91
C TYR D 219 -55.90 31.80 7.30
N ALA D 220 -54.86 32.29 7.96
CA ALA D 220 -54.13 33.44 7.46
C ALA D 220 -52.81 33.71 8.18
N CYS D 221 -51.97 34.51 7.52
CA CYS D 221 -50.71 34.89 8.11
C CYS D 221 -50.57 36.39 8.02
N GLU D 222 -50.13 36.98 9.13
CA GLU D 222 -49.92 38.41 9.20
C GLU D 222 -48.41 38.71 9.12
N VAL D 223 -48.03 39.42 8.06
CA VAL D 223 -46.65 39.76 7.82
C VAL D 223 -46.34 41.20 8.24
N THR D 224 -45.23 41.39 8.95
CA THR D 224 -44.83 42.73 9.41
C THR D 224 -43.40 42.99 8.91
N HIS D 225 -43.26 43.94 7.99
CA HIS D 225 -41.96 44.25 7.42
C HIS D 225 -41.72 45.74 7.31
N GLN D 226 -40.46 46.12 7.12
CA GLN D 226 -40.10 47.52 7.03
C GLN D 226 -40.58 48.23 5.75
N GLY D 227 -40.86 47.46 4.71
CA GLY D 227 -41.29 48.04 3.46
C GLY D 227 -42.81 48.13 3.42
N LEU D 228 -43.45 47.68 4.50
CA LEU D 228 -44.90 47.70 4.59
C LEU D 228 -45.40 48.72 5.60
N SER D 229 -46.09 49.74 5.09
CA SER D 229 -46.63 50.78 5.96
C SER D 229 -47.46 50.21 7.12
N SER D 230 -48.27 49.20 6.82
CA SER D 230 -49.08 48.55 7.84
C SER D 230 -49.06 47.05 7.58
N PRO D 231 -49.15 46.23 8.66
CA PRO D 231 -49.14 44.78 8.48
C PRO D 231 -50.02 44.32 7.33
N VAL D 232 -49.54 43.35 6.57
CA VAL D 232 -50.29 42.82 5.46
C VAL D 232 -50.82 41.51 5.96
N THR D 233 -52.02 41.15 5.53
CA THR D 233 -52.59 39.89 5.97
C THR D 233 -53.08 39.21 4.73
N LYS D 234 -52.89 37.90 4.66
CA LYS D 234 -53.36 37.14 3.52
C LYS D 234 -53.99 35.90 4.14
N SER D 235 -55.21 35.58 3.70
CA SER D 235 -55.99 34.46 4.23
C SER D 235 -56.98 33.79 3.30
N PHE D 236 -57.22 32.51 3.59
CA PHE D 236 -58.17 31.67 2.86
C PHE D 236 -58.96 30.84 3.90
N ASN D 237 -60.26 31.06 3.91
CA ASN D 237 -61.17 30.41 4.84
C ASN D 237 -61.37 28.91 4.60
N GLU E 22 -13.55 23.17 -21.59
CA GLU E 22 -13.82 21.81 -22.05
C GLU E 22 -13.36 20.83 -20.97
N VAL E 23 -12.51 21.30 -20.08
CA VAL E 23 -12.06 20.44 -19.00
C VAL E 23 -13.15 20.50 -17.97
N LYS E 24 -13.60 19.33 -17.52
CA LYS E 24 -14.62 19.32 -16.50
C LYS E 24 -14.67 18.04 -15.68
N LEU E 25 -14.77 18.21 -14.37
CA LEU E 25 -14.80 17.11 -13.43
C LEU E 25 -16.16 16.89 -12.81
N HIS E 26 -16.43 15.65 -12.45
CA HIS E 26 -17.72 15.33 -11.88
C HIS E 26 -17.52 14.33 -10.77
N GLU E 27 -18.16 14.58 -9.64
CA GLU E 27 -18.06 13.70 -8.48
C GLU E 27 -19.36 12.95 -8.19
N SER E 28 -19.22 11.85 -7.47
CA SER E 28 -20.35 11.02 -7.13
C SER E 28 -19.95 9.94 -6.12
N GLY E 29 -20.90 9.53 -5.29
CA GLY E 29 -20.65 8.52 -4.29
C GLY E 29 -21.73 8.54 -3.22
N ALA E 30 -22.08 7.35 -2.71
CA ALA E 30 -23.11 7.18 -1.67
C ALA E 30 -23.23 8.41 -0.79
N GLY E 31 -24.45 8.90 -0.59
CA GLY E 31 -24.65 10.10 0.20
C GLY E 31 -25.06 9.87 1.63
N LEU E 32 -25.15 8.59 2.02
CA LEU E 32 -25.53 8.25 3.38
C LEU E 32 -24.84 6.96 3.75
N VAL E 33 -23.99 7.01 4.79
CA VAL E 33 -23.32 5.79 5.22
C VAL E 33 -23.23 5.70 6.72
N LYS E 34 -23.28 4.45 7.20
CA LYS E 34 -23.24 4.15 8.62
C LYS E 34 -21.87 4.38 9.26
N PRO E 35 -21.85 4.99 10.46
CA PRO E 35 -20.59 5.24 11.16
C PRO E 35 -19.72 4.01 11.14
N GLY E 36 -18.42 4.22 11.28
CA GLY E 36 -17.47 3.10 11.31
C GLY E 36 -17.48 2.23 10.06
N ALA E 37 -17.86 2.80 8.91
CA ALA E 37 -17.84 2.04 7.69
C ALA E 37 -16.86 2.75 6.75
N SER E 38 -17.04 2.54 5.44
CA SER E 38 -16.17 3.14 4.42
C SER E 38 -16.95 3.60 3.18
N VAL E 39 -16.61 4.79 2.68
CA VAL E 39 -17.24 5.38 1.50
C VAL E 39 -16.17 5.67 0.45
N GLU E 40 -16.49 5.44 -0.81
CA GLU E 40 -15.53 5.66 -1.87
C GLU E 40 -16.09 6.62 -2.86
N ILE E 41 -15.85 7.90 -2.65
CA ILE E 41 -16.36 8.90 -3.58
C ILE E 41 -15.52 8.85 -4.83
N SER E 42 -16.14 8.97 -6.01
CA SER E 42 -15.37 8.89 -7.23
C SER E 42 -15.43 10.18 -7.99
N CYS E 43 -14.34 10.49 -8.69
CA CYS E 43 -14.20 11.72 -9.47
C CYS E 43 -13.97 11.41 -10.95
N LYS E 44 -14.90 11.82 -11.81
CA LYS E 44 -14.77 11.56 -13.23
C LYS E 44 -14.32 12.80 -13.94
N ALA E 45 -13.29 12.65 -14.76
CA ALA E 45 -12.75 13.80 -15.48
C ALA E 45 -12.87 13.61 -16.99
N THR E 46 -13.27 14.68 -17.66
CA THR E 46 -13.42 14.67 -19.11
C THR E 46 -12.93 15.95 -19.76
N GLY E 47 -12.29 15.82 -20.92
CA GLY E 47 -11.78 16.97 -21.61
C GLY E 47 -10.26 17.10 -21.55
N TYR E 48 -9.53 16.00 -21.38
CA TYR E 48 -8.07 16.12 -21.35
C TYR E 48 -7.29 14.83 -21.12
N THR E 49 -5.97 14.91 -21.29
CA THR E 49 -5.10 13.76 -21.03
C THR E 49 -5.11 13.53 -19.52
N PHE E 50 -6.14 12.82 -19.09
CA PHE E 50 -6.38 12.46 -17.70
C PHE E 50 -5.14 12.06 -16.85
N SER E 51 -4.17 11.41 -17.47
CA SER E 51 -3.02 10.90 -16.74
C SER E 51 -1.84 11.79 -16.44
N SER E 52 -1.87 13.03 -16.85
CA SER E 52 -0.71 13.86 -16.56
C SER E 52 -0.98 15.07 -15.70
N PHE E 53 -2.15 15.12 -15.06
CA PHE E 53 -2.49 16.24 -14.19
C PHE E 53 -2.90 15.74 -12.82
N TRP E 54 -2.33 16.34 -11.79
CA TRP E 54 -2.63 15.94 -10.41
C TRP E 54 -4.04 16.32 -10.03
N ILE E 55 -4.75 15.38 -9.41
CA ILE E 55 -6.10 15.62 -8.97
C ILE E 55 -6.10 15.92 -7.49
N GLU E 56 -6.79 16.97 -7.10
CA GLU E 56 -6.85 17.38 -5.70
C GLU E 56 -8.18 17.03 -5.02
N TRP E 57 -8.16 16.58 -3.77
CA TRP E 57 -9.41 16.27 -3.09
C TRP E 57 -9.61 17.23 -1.95
N VAL E 58 -10.74 17.92 -1.97
CA VAL E 58 -11.03 18.90 -0.96
C VAL E 58 -12.28 18.65 -0.17
N LYS E 59 -12.16 18.42 1.13
CA LYS E 59 -13.35 18.23 1.96
C LYS E 59 -13.84 19.62 2.32
N GLN E 60 -15.14 19.76 2.55
CA GLN E 60 -15.70 21.03 2.96
C GLN E 60 -16.96 20.80 3.78
N ARG E 61 -16.87 21.10 5.07
CA ARG E 61 -18.00 20.95 5.99
C ARG E 61 -18.40 22.38 6.36
N PRO E 62 -19.71 22.68 6.30
CA PRO E 62 -20.24 24.01 6.63
C PRO E 62 -19.76 24.62 7.95
N GLY E 63 -19.24 25.84 7.85
CA GLY E 63 -18.74 26.52 9.02
C GLY E 63 -17.26 26.27 9.22
N HIS E 64 -16.76 25.18 8.65
CA HIS E 64 -15.36 24.88 8.82
C HIS E 64 -14.44 25.41 7.70
N GLY E 65 -14.98 25.48 6.48
CA GLY E 65 -14.18 25.98 5.37
C GLY E 65 -13.60 24.86 4.55
N LEU E 66 -12.72 25.18 3.61
CA LEU E 66 -12.15 24.15 2.78
C LEU E 66 -10.96 23.47 3.44
N GLU E 67 -10.87 22.16 3.22
CA GLU E 67 -9.80 21.32 3.75
C GLU E 67 -9.16 20.58 2.59
N TRP E 68 -7.84 20.59 2.52
CA TRP E 68 -7.17 19.88 1.45
C TRP E 68 -6.88 18.48 1.96
N ILE E 69 -7.23 17.46 1.21
CA ILE E 69 -6.95 16.12 1.70
C ILE E 69 -5.66 15.58 1.12
N GLY E 70 -5.49 15.73 -0.18
CA GLY E 70 -4.29 15.24 -0.84
C GLY E 70 -4.44 15.36 -2.34
N GLU E 71 -3.69 14.55 -3.08
CA GLU E 71 -3.75 14.59 -4.54
C GLU E 71 -3.32 13.25 -5.07
N ILE E 72 -3.42 13.08 -6.39
CA ILE E 72 -3.01 11.84 -7.03
C ILE E 72 -2.80 12.09 -8.50
N LEU E 73 -1.77 11.45 -9.03
CA LEU E 73 -1.40 11.54 -10.42
C LEU E 73 -1.86 10.24 -11.04
N PRO E 74 -2.99 10.27 -11.76
CA PRO E 74 -3.55 9.09 -12.42
C PRO E 74 -2.50 8.53 -13.38
N GLY E 75 -2.40 7.21 -13.50
CA GLY E 75 -1.38 6.65 -14.38
C GLY E 75 -0.13 6.33 -13.59
N ARG E 76 0.71 7.32 -13.32
CA ARG E 76 1.89 7.04 -12.53
C ARG E 76 1.39 6.35 -11.27
N GLY E 77 0.28 6.84 -10.73
CA GLY E 77 -0.32 6.27 -9.53
C GLY E 77 0.23 6.86 -8.23
N ARG E 78 0.88 8.01 -8.35
CA ARG E 78 1.49 8.71 -7.23
C ARG E 78 0.50 9.37 -6.29
N THR E 79 0.84 9.37 -5.01
CA THR E 79 -0.04 9.89 -3.99
C THR E 79 0.66 10.83 -3.01
N ASN E 80 -0.12 11.76 -2.48
CA ASN E 80 0.37 12.70 -1.48
C ASN E 80 -0.81 13.03 -0.59
N TYR E 81 -0.77 12.56 0.65
CA TYR E 81 -1.87 12.87 1.53
C TYR E 81 -1.52 13.87 2.62
N ASN E 82 -2.54 14.53 3.13
CA ASN E 82 -2.41 15.46 4.22
C ASN E 82 -2.18 14.57 5.45
N GLU E 83 -1.25 14.93 6.31
CA GLU E 83 -0.96 14.13 7.51
C GLU E 83 -2.23 13.68 8.25
N LYS E 84 -3.12 14.61 8.57
CA LYS E 84 -4.33 14.27 9.31
C LYS E 84 -5.24 13.29 8.60
N PHE E 85 -5.16 13.21 7.28
CA PHE E 85 -6.03 12.27 6.54
C PHE E 85 -5.35 10.96 6.21
N LYS E 86 -4.08 10.82 6.59
CA LYS E 86 -3.35 9.60 6.33
C LYS E 86 -4.02 8.46 7.10
N GLY E 87 -4.35 7.41 6.37
CA GLY E 87 -5.02 6.27 6.98
C GLY E 87 -6.52 6.42 6.76
N LYS E 88 -7.01 7.64 6.91
CA LYS E 88 -8.42 7.92 6.74
C LYS E 88 -8.77 7.75 5.29
N ALA E 89 -8.09 8.53 4.46
CA ALA E 89 -8.30 8.55 3.01
C ALA E 89 -7.31 7.73 2.20
N THR E 90 -7.74 7.34 1.00
CA THR E 90 -6.90 6.54 0.11
C THR E 90 -7.33 6.74 -1.33
N PHE E 91 -6.38 7.16 -2.16
CA PHE E 91 -6.67 7.43 -3.56
C PHE E 91 -6.23 6.36 -4.54
N THR E 92 -6.83 6.36 -5.71
CA THR E 92 -6.46 5.43 -6.75
C THR E 92 -7.25 5.84 -7.96
N ALA E 93 -6.96 5.26 -9.11
CA ALA E 93 -7.68 5.65 -10.29
C ALA E 93 -7.57 4.56 -11.33
N GLU E 94 -8.45 4.61 -12.33
CA GLU E 94 -8.38 3.65 -13.41
C GLU E 94 -8.45 4.38 -14.74
N THR E 95 -7.29 4.45 -15.39
CA THR E 95 -7.19 5.15 -16.66
C THR E 95 -8.33 4.75 -17.58
N SER E 96 -8.72 3.49 -17.49
CA SER E 96 -9.77 2.96 -18.33
C SER E 96 -11.04 3.81 -18.36
N SER E 97 -11.32 4.53 -17.27
CA SER E 97 -12.52 5.34 -17.20
C SER E 97 -12.30 6.78 -16.80
N ASN E 98 -11.04 7.21 -16.76
CA ASN E 98 -10.73 8.58 -16.38
C ASN E 98 -11.38 8.89 -15.06
N THR E 99 -11.32 7.94 -14.14
CA THR E 99 -11.92 8.13 -12.85
C THR E 99 -10.93 7.95 -11.74
N ALA E 100 -10.92 8.95 -10.88
CA ALA E 100 -10.05 8.96 -9.73
C ALA E 100 -10.94 8.68 -8.53
N TYR E 101 -10.46 7.85 -7.61
CA TYR E 101 -11.25 7.53 -6.45
C TYR E 101 -10.59 7.89 -5.14
N MET E 102 -11.43 8.09 -4.13
CA MET E 102 -11.04 8.41 -2.76
C MET E 102 -11.88 7.52 -1.85
N GLN E 103 -11.23 6.81 -0.94
CA GLN E 103 -11.97 5.94 -0.06
C GLN E 103 -11.71 6.33 1.37
N LEU E 104 -12.69 6.96 2.00
CA LEU E 104 -12.59 7.37 3.39
C LEU E 104 -13.05 6.18 4.24
N SER E 105 -12.35 5.91 5.34
CA SER E 105 -12.73 4.78 6.20
C SER E 105 -13.00 5.11 7.66
N SER E 106 -13.68 4.20 8.35
CA SER E 106 -14.05 4.39 9.74
C SER E 106 -14.72 5.73 9.82
N LEU E 107 -15.78 5.89 9.06
CA LEU E 107 -16.52 7.14 9.01
C LEU E 107 -16.95 7.74 10.36
N THR E 108 -16.99 9.06 10.41
CA THR E 108 -17.41 9.77 11.60
C THR E 108 -18.24 10.92 11.14
N SER E 109 -18.95 11.54 12.07
CA SER E 109 -19.77 12.69 11.74
C SER E 109 -18.86 13.78 11.22
N GLU E 110 -17.67 13.84 11.78
CA GLU E 110 -16.67 14.83 11.36
C GLU E 110 -16.32 14.55 9.86
N ASP E 111 -16.77 13.39 9.35
CA ASP E 111 -16.55 12.97 7.96
C ASP E 111 -17.79 13.32 7.18
N SER E 112 -18.66 14.09 7.80
CA SER E 112 -19.88 14.49 7.15
C SER E 112 -19.65 15.80 6.44
N ALA E 113 -19.61 15.76 5.11
CA ALA E 113 -19.41 16.99 4.37
C ALA E 113 -19.55 16.81 2.87
N VAL E 114 -19.19 17.88 2.15
CA VAL E 114 -19.21 17.95 0.70
C VAL E 114 -17.79 17.83 0.21
N TYR E 115 -17.46 16.72 -0.42
CA TYR E 115 -16.13 16.51 -0.93
C TYR E 115 -16.00 16.89 -2.39
N TYR E 116 -14.96 17.64 -2.71
CA TYR E 116 -14.70 18.03 -4.08
C TYR E 116 -13.41 17.41 -4.58
N CYS E 117 -13.20 17.51 -5.89
CA CYS E 117 -11.97 17.05 -6.52
C CYS E 117 -11.69 18.13 -7.52
N ALA E 118 -10.44 18.59 -7.58
CA ALA E 118 -10.03 19.64 -8.48
C ALA E 118 -8.79 19.24 -9.24
N THR E 119 -8.63 19.82 -10.41
CA THR E 119 -7.50 19.51 -11.25
C THR E 119 -7.01 20.83 -11.79
N GLY E 120 -5.94 20.78 -12.56
CA GLY E 120 -5.38 22.01 -13.09
C GLY E 120 -4.60 21.93 -14.39
N ASN E 121 -3.74 22.92 -14.60
CA ASN E 121 -2.95 22.97 -15.82
C ASN E 121 -1.51 23.41 -15.56
N THR E 122 -0.82 23.70 -16.64
CA THR E 122 0.57 24.09 -16.61
C THR E 122 0.88 25.36 -15.82
N MET E 123 -0.10 26.23 -15.63
CA MET E 123 0.14 27.48 -14.91
C MET E 123 -0.60 27.61 -13.59
N VAL E 124 -1.56 26.73 -13.34
CA VAL E 124 -2.34 26.74 -12.12
C VAL E 124 -2.79 25.35 -11.71
N ASN E 125 -2.76 25.11 -10.42
CA ASN E 125 -3.21 23.84 -9.87
C ASN E 125 -4.50 24.20 -9.13
N MET E 126 -5.59 23.56 -9.53
CA MET E 126 -6.92 23.80 -8.94
C MET E 126 -7.72 24.98 -9.52
N PRO E 127 -7.79 25.08 -10.86
CA PRO E 127 -8.55 26.15 -11.50
C PRO E 127 -9.90 25.54 -11.85
N TYR E 128 -9.93 24.21 -11.87
CA TYR E 128 -11.11 23.43 -12.20
C TYR E 128 -11.61 22.62 -11.01
N TRP E 129 -12.89 22.79 -10.69
CA TRP E 129 -13.51 22.07 -9.59
C TRP E 129 -14.78 21.34 -10.06
N GLY E 130 -14.96 20.12 -9.56
CA GLY E 130 -16.15 19.35 -9.89
C GLY E 130 -17.33 19.96 -9.18
N GLN E 131 -18.51 19.35 -9.29
CA GLN E 131 -19.71 19.92 -8.64
C GLN E 131 -19.77 19.57 -7.16
N GLY E 132 -18.91 18.64 -6.76
CA GLY E 132 -18.88 18.21 -5.38
C GLY E 132 -20.10 17.34 -5.09
N THR E 133 -19.98 16.39 -4.18
CA THR E 133 -21.11 15.55 -3.80
C THR E 133 -21.18 15.60 -2.29
N THR E 134 -22.37 15.41 -1.75
CA THR E 134 -22.49 15.46 -0.31
C THR E 134 -22.41 14.04 0.23
N VAL E 135 -21.97 13.96 1.48
CA VAL E 135 -21.81 12.71 2.20
C VAL E 135 -22.07 13.03 3.66
N THR E 136 -22.97 12.25 4.25
CA THR E 136 -23.39 12.37 5.65
C THR E 136 -23.26 11.01 6.33
N VAL E 137 -22.67 11.00 7.52
CA VAL E 137 -22.49 9.74 8.25
C VAL E 137 -23.51 9.66 9.40
N SER E 138 -24.30 8.60 9.41
CA SER E 138 -25.32 8.39 10.45
C SER E 138 -25.82 6.94 10.46
N SER E 139 -26.23 6.47 11.63
CA SER E 139 -26.73 5.11 11.72
C SER E 139 -28.23 5.03 11.48
N ALA E 140 -28.84 6.17 11.11
CA ALA E 140 -30.28 6.23 10.85
C ALA E 140 -30.62 5.93 9.41
N SER E 141 -31.77 5.26 9.25
CA SER E 141 -32.27 4.84 7.95
C SER E 141 -32.70 5.92 6.98
N THR E 142 -32.49 5.62 5.70
CA THR E 142 -32.85 6.52 4.65
C THR E 142 -34.37 6.72 4.74
N LYS E 143 -34.93 7.58 3.90
CA LYS E 143 -36.37 7.84 3.90
C LYS E 143 -36.91 8.39 2.59
N GLY E 144 -38.24 8.32 2.46
CA GLY E 144 -38.90 8.76 1.25
C GLY E 144 -39.55 10.14 1.25
N PRO E 145 -39.01 11.05 0.43
CA PRO E 145 -39.53 12.42 0.32
C PRO E 145 -40.94 12.43 -0.28
N SER E 146 -41.89 13.00 0.45
CA SER E 146 -43.26 13.09 -0.04
C SER E 146 -43.26 14.35 -0.88
N VAL E 147 -44.19 14.48 -1.82
CA VAL E 147 -44.26 15.70 -2.61
C VAL E 147 -45.70 16.17 -2.75
N PHE E 148 -46.04 17.20 -1.98
CA PHE E 148 -47.38 17.76 -2.00
C PHE E 148 -47.43 19.16 -2.63
N PRO E 149 -48.02 19.25 -3.82
CA PRO E 149 -48.12 20.53 -4.55
C PRO E 149 -48.70 21.72 -3.79
N LEU E 150 -48.18 22.89 -4.15
CA LEU E 150 -48.65 24.14 -3.58
C LEU E 150 -49.38 24.80 -4.74
N ALA E 151 -50.70 24.63 -4.73
CA ALA E 151 -51.57 25.14 -5.76
C ALA E 151 -51.71 26.63 -5.92
N PRO E 152 -51.54 27.14 -7.16
CA PRO E 152 -51.66 28.55 -7.55
C PRO E 152 -53.10 28.90 -7.28
N SER E 153 -53.40 30.15 -7.01
CA SER E 153 -54.78 30.48 -6.72
C SER E 153 -54.97 31.97 -6.66
N SER E 154 -56.14 32.32 -6.17
CA SER E 154 -56.53 33.71 -6.00
C SER E 154 -55.83 34.29 -4.76
N GLY E 159 -50.92 40.81 -8.29
CA GLY E 159 -50.75 41.40 -9.61
C GLY E 159 -51.05 40.39 -10.73
N GLY E 160 -50.36 40.53 -11.86
CA GLY E 160 -50.57 39.61 -12.96
C GLY E 160 -49.60 38.47 -12.73
N THR E 161 -49.21 38.35 -11.46
CA THR E 161 -48.26 37.33 -11.03
C THR E 161 -48.81 36.38 -10.00
N ALA E 162 -48.61 35.09 -10.25
CA ALA E 162 -49.10 34.04 -9.35
C ALA E 162 -47.99 33.13 -8.83
N ALA E 163 -48.19 32.65 -7.61
CA ALA E 163 -47.20 31.79 -6.97
C ALA E 163 -47.70 30.38 -6.82
N LEU E 164 -46.93 29.43 -7.32
CA LEU E 164 -47.31 28.04 -7.18
C LEU E 164 -46.14 27.41 -6.48
N GLY E 165 -46.00 26.09 -6.55
CA GLY E 165 -44.88 25.47 -5.91
C GLY E 165 -45.14 24.06 -5.43
N CYS E 166 -44.11 23.46 -4.84
CA CYS E 166 -44.21 22.11 -4.33
C CYS E 166 -43.72 22.08 -2.89
N LEU E 167 -44.11 21.06 -2.16
CA LEU E 167 -43.70 20.91 -0.77
C LEU E 167 -43.09 19.53 -0.61
N VAL E 168 -41.76 19.47 -0.55
CA VAL E 168 -41.08 18.20 -0.39
C VAL E 168 -41.03 17.90 1.10
N LYS E 169 -41.66 16.80 1.50
CA LYS E 169 -41.73 16.47 2.90
C LYS E 169 -41.19 15.09 3.39
N ASP E 170 -40.72 15.07 4.64
CA ASP E 170 -40.23 13.87 5.31
C ASP E 170 -39.20 13.00 4.62
N TYR E 171 -38.09 13.59 4.27
CA TYR E 171 -37.06 12.80 3.64
C TYR E 171 -35.84 12.95 4.48
N PHE E 172 -34.97 11.96 4.38
CA PHE E 172 -33.73 11.96 5.12
C PHE E 172 -32.82 10.95 4.44
N PRO E 173 -31.55 11.28 4.30
CA PRO E 173 -30.92 12.50 4.80
C PRO E 173 -30.90 13.47 3.61
N GLU E 174 -30.23 14.61 3.77
CA GLU E 174 -30.11 15.51 2.63
C GLU E 174 -29.18 14.75 1.67
N PRO E 175 -29.15 15.18 0.41
CA PRO E 175 -29.90 16.28 -0.18
C PRO E 175 -30.97 15.81 -1.17
N VAL E 176 -31.72 16.79 -1.66
CA VAL E 176 -32.72 16.57 -2.69
C VAL E 176 -32.47 17.60 -3.80
N THR E 177 -32.71 17.22 -5.06
CA THR E 177 -32.55 18.18 -6.14
C THR E 177 -33.93 18.41 -6.75
N VAL E 178 -34.37 19.66 -6.76
CA VAL E 178 -35.68 20.03 -7.25
C VAL E 178 -35.62 21.01 -8.41
N SER E 179 -36.30 20.67 -9.49
CA SER E 179 -36.32 21.54 -10.65
C SER E 179 -37.72 21.64 -11.23
N TRP E 180 -37.94 22.59 -12.13
CA TRP E 180 -39.26 22.74 -12.75
C TRP E 180 -39.18 22.60 -14.28
N ASN E 181 -39.97 21.66 -14.83
CA ASN E 181 -40.01 21.39 -16.27
C ASN E 181 -38.66 20.90 -16.78
N SER E 182 -37.91 20.31 -15.86
CA SER E 182 -36.59 19.80 -16.15
C SER E 182 -35.64 20.86 -16.69
N GLY E 183 -36.02 22.14 -16.52
CA GLY E 183 -35.19 23.24 -16.98
C GLY E 183 -35.97 24.29 -17.78
N ALA E 184 -37.17 23.92 -18.24
CA ALA E 184 -38.00 24.84 -19.02
C ALA E 184 -38.47 26.01 -18.14
N LEU E 185 -37.88 26.10 -16.94
CA LEU E 185 -38.19 27.16 -16.01
C LEU E 185 -37.01 27.35 -15.06
N THR E 186 -36.67 28.60 -14.79
CA THR E 186 -35.56 28.86 -13.90
C THR E 186 -35.79 30.13 -13.12
N SER E 187 -36.13 31.20 -13.83
CA SER E 187 -36.31 32.43 -13.12
C SER E 187 -37.52 32.41 -12.21
N GLY E 188 -37.35 33.05 -11.05
CA GLY E 188 -38.42 33.14 -10.09
C GLY E 188 -38.57 31.90 -9.24
N VAL E 189 -37.66 30.95 -9.42
CA VAL E 189 -37.72 29.71 -8.66
C VAL E 189 -36.93 29.76 -7.37
N HIS E 190 -37.63 29.82 -6.23
CA HIS E 190 -36.97 29.83 -4.92
C HIS E 190 -37.14 28.44 -4.30
N THR E 191 -36.04 27.71 -4.14
CA THR E 191 -36.11 26.41 -3.52
C THR E 191 -35.52 26.67 -2.16
N PHE E 192 -36.31 26.51 -1.12
CA PHE E 192 -35.83 26.79 0.21
C PHE E 192 -34.83 25.84 0.86
N PRO E 193 -33.90 26.38 1.65
CA PRO E 193 -32.96 25.46 2.29
C PRO E 193 -33.80 24.53 3.18
N ALA E 194 -33.44 23.26 3.22
CA ALA E 194 -34.18 22.29 4.04
C ALA E 194 -34.32 22.76 5.48
N VAL E 195 -35.01 21.97 6.29
CA VAL E 195 -35.18 22.32 7.70
C VAL E 195 -35.35 21.03 8.47
N LEU E 196 -34.92 21.04 9.72
CA LEU E 196 -35.03 19.82 10.51
C LEU E 196 -36.34 19.76 11.27
N GLN E 197 -37.21 18.86 10.83
CA GLN E 197 -38.50 18.69 11.48
C GLN E 197 -38.26 17.89 12.76
N SER E 198 -39.06 18.17 13.79
CA SER E 198 -38.92 17.50 15.09
C SER E 198 -39.02 16.00 14.94
N SER E 199 -39.42 15.56 13.75
CA SER E 199 -39.56 14.12 13.49
C SER E 199 -38.21 13.53 13.06
N GLY E 200 -37.18 14.37 13.05
CA GLY E 200 -35.86 13.91 12.65
C GLY E 200 -35.67 13.88 11.13
N LEU E 201 -36.71 14.22 10.38
CA LEU E 201 -36.64 14.22 8.94
C LEU E 201 -36.58 15.64 8.39
N TYR E 202 -36.23 15.76 7.12
CA TYR E 202 -36.14 17.06 6.49
C TYR E 202 -37.38 17.47 5.74
N SER E 203 -37.59 18.78 5.58
CA SER E 203 -38.76 19.30 4.88
C SER E 203 -38.33 20.51 4.06
N LEU E 204 -38.95 20.70 2.91
CA LEU E 204 -38.60 21.81 2.03
C LEU E 204 -39.74 22.19 1.07
N SER E 205 -39.87 23.48 0.81
CA SER E 205 -40.88 23.97 -0.13
C SER E 205 -40.12 24.65 -1.26
N SER E 206 -40.56 24.42 -2.49
CA SER E 206 -39.92 25.01 -3.66
C SER E 206 -41.02 25.78 -4.41
N VAL E 207 -40.92 27.09 -4.36
CA VAL E 207 -41.91 27.94 -5.00
C VAL E 207 -41.37 28.62 -6.26
N VAL E 208 -42.28 29.01 -7.14
CA VAL E 208 -41.95 29.70 -8.37
C VAL E 208 -43.18 30.45 -8.82
N THR E 209 -42.99 31.74 -9.04
CA THR E 209 -44.03 32.64 -9.45
C THR E 209 -44.10 32.80 -10.97
N VAL E 210 -45.31 32.92 -11.48
CA VAL E 210 -45.52 33.06 -12.91
C VAL E 210 -46.73 33.94 -13.25
N PRO E 211 -46.88 34.30 -14.53
CA PRO E 211 -48.01 35.13 -14.95
C PRO E 211 -49.36 34.44 -14.67
N SER E 212 -50.30 35.23 -14.15
CA SER E 212 -51.63 34.69 -13.86
C SER E 212 -52.11 34.00 -15.14
N SER E 213 -51.80 34.67 -16.26
CA SER E 213 -52.14 34.25 -17.63
C SER E 213 -51.51 32.90 -17.91
N SER E 214 -50.19 32.83 -17.74
CA SER E 214 -49.38 31.60 -17.96
C SER E 214 -50.08 30.31 -17.52
N LEU E 215 -50.46 30.31 -16.24
CA LEU E 215 -51.11 29.18 -15.60
C LEU E 215 -52.09 28.38 -16.47
N GLY E 216 -52.88 29.09 -17.25
CA GLY E 216 -53.86 28.41 -18.10
C GLY E 216 -53.38 27.59 -19.29
N THR E 217 -52.14 27.78 -19.71
CA THR E 217 -51.61 27.06 -20.87
C THR E 217 -50.29 26.35 -20.56
N GLN E 218 -49.70 26.77 -19.45
CA GLN E 218 -48.42 26.29 -19.00
C GLN E 218 -48.40 25.01 -18.16
N THR E 219 -47.55 24.06 -18.57
CA THR E 219 -47.39 22.79 -17.86
C THR E 219 -46.36 22.99 -16.73
N TYR E 220 -46.86 23.30 -15.53
CA TYR E 220 -45.98 23.55 -14.38
C TYR E 220 -45.66 22.35 -13.52
N ILE E 221 -44.50 21.73 -13.77
CA ILE E 221 -44.09 20.53 -13.04
C ILE E 221 -42.76 20.65 -12.29
N CYS E 222 -42.78 20.25 -11.01
CA CYS E 222 -41.58 20.26 -10.21
C CYS E 222 -40.96 18.85 -10.21
N ASN E 223 -39.70 18.77 -10.61
CA ASN E 223 -38.96 17.50 -10.68
C ASN E 223 -38.19 17.24 -9.38
N VAL E 224 -38.73 16.37 -8.51
CA VAL E 224 -38.03 16.11 -7.25
C VAL E 224 -37.11 14.91 -7.37
N ASN E 225 -35.97 14.99 -6.73
CA ASN E 225 -35.03 13.89 -6.81
C ASN E 225 -34.26 13.70 -5.51
N HIS E 226 -34.31 12.47 -4.99
CA HIS E 226 -33.62 12.12 -3.74
C HIS E 226 -32.93 10.78 -3.92
N LYS E 227 -31.74 10.83 -4.51
CA LYS E 227 -30.95 9.64 -4.78
C LYS E 227 -30.81 8.73 -3.58
N PRO E 228 -30.46 9.28 -2.40
CA PRO E 228 -30.31 8.44 -1.21
C PRO E 228 -31.50 7.61 -0.97
N SER E 229 -32.46 7.65 -1.87
CA SER E 229 -33.67 6.87 -1.72
C SER E 229 -34.14 6.31 -3.05
N ASN E 230 -33.56 6.82 -4.13
CA ASN E 230 -33.85 6.44 -5.52
C ASN E 230 -35.05 7.22 -6.06
N THR E 231 -35.71 7.96 -5.16
CA THR E 231 -36.91 8.73 -5.50
C THR E 231 -36.73 9.79 -6.62
N LYS E 232 -37.63 9.74 -7.59
CA LYS E 232 -37.66 10.66 -8.74
C LYS E 232 -39.15 10.99 -9.04
N VAL E 233 -39.78 11.88 -8.26
CA VAL E 233 -41.20 12.22 -8.46
C VAL E 233 -41.43 13.43 -9.38
N ASP E 234 -42.50 13.38 -10.17
CA ASP E 234 -42.83 14.49 -11.07
C ASP E 234 -44.27 14.92 -10.82
N LYS E 235 -44.44 16.09 -10.22
CA LYS E 235 -45.79 16.56 -9.92
C LYS E 235 -46.24 17.75 -10.74
N LYS E 236 -47.40 17.59 -11.39
CA LYS E 236 -48.00 18.68 -12.17
C LYS E 236 -48.68 19.49 -11.09
N VAL E 237 -48.79 20.80 -11.27
CA VAL E 237 -49.40 21.60 -10.22
C VAL E 237 -50.33 22.71 -10.70
N GLU E 238 -51.01 22.53 -11.81
CA GLU E 238 -51.91 23.59 -12.25
C GLU E 238 -52.99 23.85 -11.15
N PRO E 239 -53.96 24.73 -11.42
CA PRO E 239 -55.00 24.99 -10.40
C PRO E 239 -55.39 23.78 -9.54
N GLY F 5 2.31 24.19 -23.32
CA GLY F 5 2.66 23.73 -21.98
C GLY F 5 2.95 22.23 -21.88
N GLN F 6 1.92 21.41 -22.11
CA GLN F 6 2.06 19.95 -22.06
C GLN F 6 3.34 19.52 -22.77
N PHE F 7 4.31 19.02 -22.03
CA PHE F 7 5.57 18.64 -22.62
C PHE F 7 5.87 17.22 -22.32
N ARG F 8 6.57 16.56 -23.22
CA ARG F 8 6.93 15.16 -23.08
C ARG F 8 8.31 15.09 -22.43
N VAL F 9 8.55 14.15 -21.53
CA VAL F 9 9.85 14.06 -20.87
C VAL F 9 10.68 13.01 -21.56
N ILE F 10 11.94 13.37 -21.81
CA ILE F 10 12.83 12.49 -22.54
C ILE F 10 14.12 12.08 -21.81
N GLY F 11 14.45 10.81 -21.93
CA GLY F 11 15.65 10.30 -21.29
C GLY F 11 16.64 9.70 -22.29
N PRO F 12 17.73 9.10 -21.81
CA PRO F 12 18.76 8.48 -22.64
C PRO F 12 18.28 7.81 -23.95
N GLY F 13 17.36 6.86 -23.81
CA GLY F 13 16.84 6.14 -24.96
C GLY F 13 17.56 4.81 -25.08
N HIS F 14 18.61 4.67 -24.29
CA HIS F 14 19.41 3.46 -24.23
C HIS F 14 20.06 3.51 -22.87
N PRO F 15 20.37 2.34 -22.29
CA PRO F 15 21.00 2.29 -20.96
C PRO F 15 22.28 3.09 -20.83
N ILE F 16 22.54 3.54 -19.60
CA ILE F 16 23.75 4.28 -19.35
C ILE F 16 24.74 3.36 -18.66
N ARG F 17 25.96 3.38 -19.18
CA ARG F 17 27.04 2.51 -18.71
C ARG F 17 28.12 3.22 -17.90
N ALA F 18 28.47 2.58 -16.77
CA ALA F 18 29.48 3.11 -15.86
C ALA F 18 30.27 1.96 -15.22
N LEU F 19 31.56 2.20 -14.99
CA LEU F 19 32.44 1.20 -14.38
C LEU F 19 32.22 1.28 -12.88
N VAL F 20 32.30 0.15 -12.20
CA VAL F 20 32.08 0.17 -10.76
C VAL F 20 32.86 1.31 -10.08
N GLY F 21 32.39 1.66 -8.88
CA GLY F 21 33.00 2.71 -8.10
C GLY F 21 33.23 4.00 -8.84
N ASP F 22 32.49 4.22 -9.93
CA ASP F 22 32.68 5.44 -10.71
C ASP F 22 31.55 6.47 -10.65
N GLU F 23 31.58 7.41 -11.60
CA GLU F 23 30.61 8.49 -11.68
C GLU F 23 29.57 8.18 -12.75
N ALA F 24 28.30 8.47 -12.47
CA ALA F 24 27.24 8.21 -13.42
C ALA F 24 26.47 9.48 -13.61
N GLU F 25 25.97 9.68 -14.83
CA GLU F 25 25.19 10.85 -15.17
C GLU F 25 23.98 10.42 -15.94
N LEU F 26 22.82 10.77 -15.45
CA LEU F 26 21.58 10.44 -16.11
C LEU F 26 20.98 11.74 -16.59
N PRO F 27 20.79 11.86 -17.90
CA PRO F 27 20.21 13.08 -18.45
C PRO F 27 18.70 12.98 -18.60
N CYS F 28 18.02 14.10 -18.40
CA CYS F 28 16.59 14.14 -18.53
C CYS F 28 16.20 15.55 -18.92
N ARG F 29 15.24 15.67 -19.83
CA ARG F 29 14.82 16.99 -20.25
C ARG F 29 13.39 16.96 -20.76
N ILE F 30 12.80 18.14 -20.86
CA ILE F 30 11.43 18.28 -21.34
C ILE F 30 11.42 18.85 -22.75
N SER F 31 10.47 18.42 -23.58
CA SER F 31 10.37 18.93 -24.96
C SER F 31 8.95 19.23 -25.38
N PRO F 32 8.69 20.47 -25.81
CA PRO F 32 9.60 21.61 -25.93
C PRO F 32 10.30 21.97 -24.64
N GLY F 33 11.55 22.38 -24.76
CA GLY F 33 12.31 22.76 -23.59
C GLY F 33 11.80 24.10 -23.10
N LYS F 34 11.90 24.34 -21.80
CA LYS F 34 11.49 25.60 -21.21
C LYS F 34 12.07 25.73 -19.82
N ASN F 35 12.04 26.94 -19.27
CA ASN F 35 12.63 27.16 -17.97
C ASN F 35 12.07 26.35 -16.81
N ALA F 36 12.71 25.23 -16.55
CA ALA F 36 12.30 24.35 -15.49
C ALA F 36 12.98 24.71 -14.17
N THR F 37 13.16 25.99 -13.91
CA THR F 37 13.80 26.40 -12.68
C THR F 37 12.83 26.32 -11.50
N GLY F 38 11.62 26.81 -11.69
CA GLY F 38 10.63 26.76 -10.63
C GLY F 38 9.98 25.39 -10.46
N MET F 39 9.96 24.60 -11.53
CA MET F 39 9.36 23.28 -11.51
C MET F 39 9.96 22.35 -10.45
N GLU F 40 9.35 21.20 -10.26
CA GLU F 40 9.83 20.23 -9.30
C GLU F 40 10.41 19.11 -10.13
N VAL F 41 11.67 18.76 -9.89
CA VAL F 41 12.29 17.70 -10.68
C VAL F 41 12.77 16.62 -9.72
N GLY F 42 12.78 15.35 -10.14
CA GLY F 42 13.22 14.32 -9.22
C GLY F 42 13.42 12.97 -9.85
N TRP F 43 14.06 12.07 -9.11
CA TRP F 43 14.34 10.72 -9.57
C TRP F 43 13.90 9.70 -8.57
N TYR F 44 13.40 8.59 -9.07
CA TYR F 44 12.97 7.49 -8.21
C TYR F 44 13.76 6.25 -8.59
N ARG F 45 14.04 5.42 -7.60
CA ARG F 45 14.79 4.19 -7.85
C ARG F 45 13.78 3.10 -8.17
N SER F 46 13.54 2.81 -9.42
CA SER F 46 12.54 1.89 -9.89
C SER F 46 11.78 0.87 -9.06
N PRO F 47 12.47 -0.06 -8.37
CA PRO F 47 11.72 -1.06 -7.58
C PRO F 47 10.60 -0.54 -6.66
N PHE F 48 10.99 0.06 -5.53
CA PHE F 48 10.01 0.56 -4.58
C PHE F 48 9.84 2.09 -4.64
N SER F 49 10.05 2.71 -5.75
CA SER F 49 9.95 4.16 -5.87
C SER F 49 10.65 4.97 -4.79
N ARG F 50 11.87 4.59 -4.44
CA ARG F 50 12.64 5.31 -3.45
C ARG F 50 13.09 6.63 -4.08
N VAL F 51 13.18 7.68 -3.28
CA VAL F 51 13.59 8.97 -3.79
C VAL F 51 15.09 9.08 -3.87
N VAL F 52 15.60 9.21 -5.10
CA VAL F 52 17.02 9.33 -5.31
C VAL F 52 17.45 10.77 -5.14
N HIS F 53 16.64 11.69 -5.66
CA HIS F 53 16.96 13.10 -5.55
C HIS F 53 15.77 13.98 -5.85
N LEU F 54 15.61 15.04 -5.08
CA LEU F 54 14.48 15.93 -5.26
C LEU F 54 14.82 17.42 -5.25
N TYR F 55 14.54 18.12 -6.35
CA TYR F 55 14.78 19.55 -6.48
C TYR F 55 13.40 20.25 -6.51
N ARG F 56 13.17 21.20 -5.62
CA ARG F 56 11.89 21.89 -5.57
C ARG F 56 11.98 23.31 -4.98
N ASN F 57 11.28 24.25 -5.63
CA ASN F 57 11.31 25.64 -5.19
C ASN F 57 12.71 26.26 -5.29
N GLY F 58 13.53 25.69 -6.16
CA GLY F 58 14.87 26.19 -6.38
C GLY F 58 15.98 25.50 -5.63
N LYS F 59 15.63 24.74 -4.61
CA LYS F 59 16.66 24.08 -3.82
C LYS F 59 16.50 22.58 -3.77
N ASP F 60 17.60 21.89 -3.51
CA ASP F 60 17.59 20.45 -3.40
C ASP F 60 16.98 20.08 -2.07
N GLN F 61 15.93 19.28 -2.11
CA GLN F 61 15.27 18.85 -0.89
C GLN F 61 16.03 17.64 -0.41
N ASP F 62 16.98 17.89 0.48
CA ASP F 62 17.82 16.83 1.00
C ASP F 62 17.15 16.00 2.06
N ALA F 63 16.28 16.63 2.84
CA ALA F 63 15.59 15.90 3.88
C ALA F 63 14.48 14.99 3.35
N GLU F 64 14.36 14.88 2.02
CA GLU F 64 13.32 14.04 1.43
C GLU F 64 13.83 12.90 0.54
N GLN F 65 15.14 12.72 0.48
CA GLN F 65 15.72 11.65 -0.33
C GLN F 65 16.00 10.46 0.57
N ALA F 66 15.91 9.26 -0.01
CA ALA F 66 16.14 8.02 0.73
C ALA F 66 17.51 8.10 1.35
N PRO F 67 17.62 7.72 2.63
CA PRO F 67 18.87 7.74 3.39
C PRO F 67 20.05 7.13 2.62
N GLU F 68 19.76 6.12 1.81
CA GLU F 68 20.79 5.43 1.07
C GLU F 68 21.48 6.32 0.06
N TYR F 69 20.86 7.44 -0.30
CA TYR F 69 21.43 8.31 -1.32
C TYR F 69 22.10 9.62 -0.88
N ARG F 70 21.96 9.97 0.40
CA ARG F 70 22.52 11.19 0.98
C ARG F 70 24.01 11.40 0.66
N GLY F 71 24.32 12.57 0.12
CA GLY F 71 25.69 12.88 -0.23
C GLY F 71 26.24 12.01 -1.34
N ARG F 72 25.36 11.48 -2.19
CA ARG F 72 25.79 10.60 -3.27
C ARG F 72 25.30 11.12 -4.61
N THR F 73 24.40 12.08 -4.58
CA THR F 73 23.81 12.59 -5.80
C THR F 73 24.10 14.06 -6.08
N GLU F 74 23.47 14.56 -7.11
CA GLU F 74 23.60 15.94 -7.52
C GLU F 74 22.72 16.10 -8.72
N LEU F 75 22.21 17.29 -8.89
CA LEU F 75 21.37 17.55 -10.04
C LEU F 75 22.06 18.64 -10.83
N LEU F 76 22.85 18.23 -11.80
CA LEU F 76 23.55 19.19 -12.62
C LEU F 76 22.48 20.13 -13.17
N LYS F 77 22.39 21.33 -12.58
CA LYS F 77 21.37 22.28 -13.00
C LYS F 77 21.84 23.21 -14.10
N GLU F 78 23.04 22.94 -14.61
CA GLU F 78 23.60 23.76 -15.68
C GLU F 78 22.51 24.49 -16.43
N SER F 79 22.02 23.86 -17.50
CA SER F 79 21.00 24.41 -18.37
C SER F 79 19.60 23.89 -18.04
N ILE F 80 19.11 24.29 -16.88
CA ILE F 80 17.79 23.89 -16.44
C ILE F 80 16.77 24.77 -17.14
N GLY F 81 17.18 26.00 -17.48
CA GLY F 81 16.30 26.94 -18.16
C GLY F 81 16.01 26.47 -19.57
N GLU F 82 16.60 25.35 -19.92
CA GLU F 82 16.40 24.76 -21.22
C GLU F 82 15.53 23.53 -21.01
N GLY F 83 15.27 23.21 -19.75
CA GLY F 83 14.48 22.04 -19.43
C GLY F 83 15.42 20.84 -19.36
N LYS F 84 16.72 21.14 -19.20
CA LYS F 84 17.76 20.12 -19.13
C LYS F 84 18.43 20.03 -17.78
N VAL F 85 18.62 18.79 -17.34
CA VAL F 85 19.26 18.47 -16.06
C VAL F 85 19.84 17.07 -16.15
N ALA F 86 20.68 16.72 -15.18
CA ALA F 86 21.28 15.38 -15.13
C ALA F 86 21.52 14.94 -13.69
N LEU F 87 21.23 13.66 -13.42
CA LEU F 87 21.44 13.09 -12.09
C LEU F 87 22.83 12.52 -12.07
N ARG F 88 23.67 13.05 -11.21
CA ARG F 88 25.02 12.53 -11.12
C ARG F 88 25.15 11.72 -9.83
N ILE F 89 25.80 10.56 -9.90
CA ILE F 89 25.97 9.72 -8.71
C ILE F 89 27.41 9.28 -8.46
N GLN F 90 27.85 9.36 -7.19
CA GLN F 90 29.23 9.03 -6.76
C GLN F 90 29.41 7.63 -6.20
N ASN F 91 30.66 7.16 -6.24
CA ASN F 91 31.07 5.84 -5.72
C ASN F 91 30.06 4.77 -6.11
N VAL F 92 29.82 4.67 -7.41
CA VAL F 92 28.87 3.70 -7.91
C VAL F 92 29.09 2.29 -7.39
N ARG F 93 27.98 1.56 -7.29
CA ARG F 93 28.01 0.20 -6.82
C ARG F 93 26.99 -0.54 -7.64
N PHE F 94 27.21 -1.83 -7.73
CA PHE F 94 26.32 -2.72 -8.42
C PHE F 94 24.89 -2.46 -7.89
N SER F 95 24.78 -2.06 -6.62
CA SER F 95 23.47 -1.77 -5.98
C SER F 95 22.77 -0.56 -6.60
N ASP F 96 23.36 -0.05 -7.68
CA ASP F 96 22.84 1.09 -8.41
C ASP F 96 22.43 0.62 -9.81
N GLU F 97 22.62 -0.67 -10.06
CA GLU F 97 22.27 -1.26 -11.36
C GLU F 97 20.76 -1.40 -11.45
N GLY F 98 20.18 -0.98 -12.57
CA GLY F 98 18.75 -1.08 -12.72
C GLY F 98 18.07 0.19 -13.22
N GLY F 99 16.75 0.19 -13.17
CA GLY F 99 15.98 1.33 -13.65
C GLY F 99 15.81 2.45 -12.64
N TYR F 100 15.68 3.65 -13.17
CA TYR F 100 15.49 4.85 -12.37
C TYR F 100 14.36 5.53 -13.07
N THR F 101 13.78 6.53 -12.44
CA THR F 101 12.68 7.27 -13.03
C THR F 101 12.83 8.75 -12.78
N CYS F 102 12.93 9.54 -13.83
CA CYS F 102 13.06 10.96 -13.64
C CYS F 102 11.73 11.63 -13.97
N PHE F 103 11.48 12.82 -13.41
CA PHE F 103 10.22 13.49 -13.66
C PHE F 103 10.26 14.99 -13.43
N PHE F 104 9.41 15.72 -14.14
CA PHE F 104 9.29 17.17 -13.98
C PHE F 104 7.82 17.47 -13.68
N ARG F 105 7.54 18.42 -12.76
CA ARG F 105 6.16 18.83 -12.44
C ARG F 105 6.04 20.34 -12.56
N ASP F 106 5.20 20.76 -13.50
CA ASP F 106 4.92 22.16 -13.77
C ASP F 106 3.54 22.40 -13.17
N HIS F 107 3.54 22.89 -11.93
CA HIS F 107 2.32 23.18 -11.18
C HIS F 107 1.48 21.94 -11.03
N SER F 108 0.53 21.75 -11.94
CA SER F 108 -0.34 20.60 -11.88
C SER F 108 -0.07 19.59 -12.96
N TYR F 109 0.87 19.89 -13.85
CA TYR F 109 1.25 18.96 -14.94
C TYR F 109 2.51 18.16 -14.57
N GLN F 110 2.49 16.85 -14.78
CA GLN F 110 3.68 16.08 -14.47
C GLN F 110 3.93 14.87 -15.36
N GLU F 111 5.02 14.92 -16.13
CA GLU F 111 5.38 13.81 -17.01
C GLU F 111 6.67 13.18 -16.51
N GLU F 112 6.93 11.97 -16.98
CA GLU F 112 8.08 11.26 -16.54
C GLU F 112 8.72 10.51 -17.68
N ALA F 113 9.95 10.04 -17.43
CA ALA F 113 10.71 9.25 -18.38
C ALA F 113 11.44 8.15 -17.63
N ALA F 114 11.56 7.00 -18.24
CA ALA F 114 12.26 5.90 -17.60
C ALA F 114 13.72 5.95 -18.00
N VAL F 115 14.60 5.71 -17.04
CA VAL F 115 16.03 5.70 -17.32
C VAL F 115 16.59 4.45 -16.68
N GLU F 116 17.59 3.85 -17.30
CA GLU F 116 18.18 2.65 -16.72
C GLU F 116 19.70 2.78 -16.62
N LEU F 117 20.26 2.16 -15.59
CA LEU F 117 21.71 2.23 -15.37
C LEU F 117 22.40 0.89 -15.46
N LYS F 118 23.56 0.90 -16.11
CA LYS F 118 24.38 -0.31 -16.29
C LYS F 118 25.70 -0.23 -15.50
N VAL F 119 25.84 -1.02 -14.44
CA VAL F 119 27.07 -0.99 -13.65
C VAL F 119 28.01 -2.14 -14.05
N GLU F 120 29.16 -1.78 -14.65
CA GLU F 120 30.13 -2.78 -15.10
C GLU F 120 31.53 -2.67 -14.50
N ASP F 121 32.16 -3.82 -14.28
CA ASP F 121 33.51 -3.88 -13.73
C ASP F 121 34.39 -4.72 -14.65
N PRO F 122 35.59 -4.22 -14.98
CA PRO F 122 36.43 -5.03 -15.86
C PRO F 122 37.21 -6.11 -15.06
#